data_4KUG
#
_entry.id   4KUG
#
_cell.length_a   148.450
_cell.length_b   148.450
_cell.length_c   201.630
_cell.angle_alpha   90.000
_cell.angle_beta   90.000
_cell.angle_gamma   120.000
#
_symmetry.space_group_name_H-M   'H 3'
#
loop_
_entity.id
_entity.type
_entity.pdbx_description
1 polymer '3-hydroxybutyryl-CoA dehydrogenase'
2 non-polymer NICOTINAMIDE-ADENINE-DINUCLEOTIDE
3 water water
#
_entity_poly.entity_id   1
_entity_poly.type   'polypeptide(L)'
_entity_poly.pdbx_seq_one_letter_code
;MKKVFVLGAGTMGAGIVQAFAAKGCEVIVRDIKEEFVDRGIATITKSLSKLVAKEKITEADKEEILSRISGTTDMKLAAD
CDLVVEAAIENMKIKKEIFAELDGICKPETILASNTSSLSITEVASATKRADKVIGMHFFNPAPVMKLVEVIRGAATSQE
TFDAVKEMSESIGKTPVEVAEAPGFVVNRILIPMINEATFILQEGVAKEEDIDAAMKLGANHPMGPLALGDLIGLDVCLA
IMDVLYNETGDTKYRASSLLRKYVRAGWLGRKTGKGFYDYSKSKHHHHHH
;
_entity_poly.pdbx_strand_id   A,B,C,D
#
loop_
_chem_comp.id
_chem_comp.type
_chem_comp.name
_chem_comp.formula
NAD non-polymer NICOTINAMIDE-ADENINE-DINUCLEOTIDE 'C21 H27 N7 O14 P2'
#
# COMPACT_ATOMS: atom_id res chain seq x y z
N MET A 1 -28.24 18.09 16.09
CA MET A 1 -29.24 19.07 15.63
C MET A 1 -30.60 18.39 15.29
N LYS A 2 -31.55 18.49 16.20
CA LYS A 2 -32.84 17.85 16.05
C LYS A 2 -33.66 18.52 14.93
N LYS A 3 -33.40 19.79 14.68
CA LYS A 3 -34.36 20.62 13.99
C LYS A 3 -33.72 21.61 13.00
N VAL A 4 -34.19 21.55 11.75
CA VAL A 4 -33.64 22.34 10.67
C VAL A 4 -34.67 23.19 9.94
N PHE A 5 -34.39 24.50 9.89
CA PHE A 5 -35.07 25.43 9.04
C PHE A 5 -34.36 25.56 7.68
N VAL A 6 -35.09 25.40 6.60
CA VAL A 6 -34.57 25.59 5.24
C VAL A 6 -35.32 26.67 4.51
N LEU A 7 -34.63 27.68 3.98
CA LEU A 7 -35.31 28.70 3.13
C LEU A 7 -35.24 28.32 1.67
N GLY A 8 -36.39 28.24 1.01
CA GLY A 8 -36.45 27.80 -0.38
C GLY A 8 -37.04 26.42 -0.59
N ALA A 9 -38.13 26.37 -1.32
CA ALA A 9 -38.78 25.12 -1.62
C ALA A 9 -38.47 24.73 -3.06
N GLY A 10 -37.41 25.28 -3.63
CA GLY A 10 -37.07 25.03 -5.02
C GLY A 10 -36.37 23.70 -5.16
N THR A 11 -35.63 23.58 -6.24
CA THR A 11 -34.89 22.38 -6.59
C THR A 11 -34.03 21.90 -5.44
N MET A 12 -33.20 22.80 -4.94
CA MET A 12 -32.23 22.48 -3.96
C MET A 12 -32.85 22.42 -2.61
N GLY A 13 -33.50 23.49 -2.19
CA GLY A 13 -34.13 23.54 -0.87
C GLY A 13 -35.05 22.34 -0.67
N ALA A 14 -35.84 21.92 -1.68
CA ALA A 14 -36.60 20.65 -1.54
C ALA A 14 -35.68 19.47 -1.33
N GLY A 15 -34.65 19.38 -2.15
CA GLY A 15 -33.66 18.30 -2.02
C GLY A 15 -32.97 18.26 -0.66
N ILE A 16 -32.56 19.43 -0.14
CA ILE A 16 -31.95 19.55 1.18
C ILE A 16 -32.94 19.22 2.34
N VAL A 17 -34.20 19.56 2.12
CA VAL A 17 -35.25 19.21 3.09
C VAL A 17 -35.22 17.68 3.18
N GLN A 18 -35.52 17.03 2.07
CA GLN A 18 -35.33 15.58 1.97
C GLN A 18 -34.03 14.99 2.54
N ALA A 19 -32.89 15.65 2.36
CA ALA A 19 -31.60 15.09 2.82
C ALA A 19 -31.55 15.02 4.34
N PHE A 20 -32.09 16.04 4.97
CA PHE A 20 -32.10 16.09 6.41
C PHE A 20 -33.21 15.14 6.95
N ALA A 21 -34.44 15.37 6.54
CA ALA A 21 -35.62 14.63 7.03
C ALA A 21 -35.42 13.14 6.92
N ALA A 22 -34.84 12.69 5.80
CA ALA A 22 -34.72 11.27 5.55
C ALA A 22 -33.72 10.62 6.46
N LYS A 23 -33.00 11.41 7.23
CA LYS A 23 -32.07 10.88 8.21
C LYS A 23 -32.60 11.21 9.59
N GLY A 24 -33.85 11.66 9.66
CA GLY A 24 -34.56 11.75 10.96
C GLY A 24 -34.51 13.09 11.65
N CYS A 25 -34.02 14.13 10.98
CA CYS A 25 -34.16 15.50 11.46
C CYS A 25 -35.59 15.97 11.30
N GLU A 26 -36.06 16.83 12.18
CA GLU A 26 -37.27 17.59 11.86
C GLU A 26 -36.88 18.77 10.93
N VAL A 27 -37.77 19.12 10.01
CA VAL A 27 -37.49 20.23 9.13
C VAL A 27 -38.70 21.09 8.90
N ILE A 28 -38.51 22.40 9.01
CA ILE A 28 -39.45 23.42 8.58
C ILE A 28 -38.93 24.10 7.28
N VAL A 29 -39.64 23.88 6.19
CA VAL A 29 -39.34 24.56 4.94
C VAL A 29 -40.14 25.85 4.73
N ARG A 30 -39.45 26.95 4.47
CA ARG A 30 -40.09 28.25 4.31
C ARG A 30 -39.85 28.88 2.93
N ASP A 31 -40.92 29.24 2.23
CA ASP A 31 -40.81 29.92 0.94
C ASP A 31 -41.66 31.19 1.03
N ILE A 32 -41.71 31.98 -0.03
CA ILE A 32 -42.50 33.25 0.03
C ILE A 32 -43.95 33.16 -0.43
N LYS A 33 -44.43 31.96 -0.77
CA LYS A 33 -45.81 31.75 -1.13
C LYS A 33 -46.15 30.29 -0.91
N GLU A 34 -47.44 30.02 -0.67
CA GLU A 34 -47.91 28.69 -0.24
C GLU A 34 -47.79 27.70 -1.39
N GLU A 35 -48.25 28.15 -2.56
CA GLU A 35 -48.09 27.42 -3.83
C GLU A 35 -46.73 26.81 -3.92
N PHE A 36 -45.68 27.61 -3.67
CA PHE A 36 -44.28 27.16 -3.74
C PHE A 36 -43.95 26.09 -2.72
N VAL A 37 -44.27 26.35 -1.46
CA VAL A 37 -44.16 25.34 -0.44
C VAL A 37 -44.86 24.06 -0.86
N ASP A 38 -46.08 24.18 -1.38
CA ASP A 38 -46.82 23.00 -1.80
C ASP A 38 -46.07 22.26 -2.87
N ARG A 39 -45.69 23.02 -3.90
CA ARG A 39 -44.86 22.48 -5.01
C ARG A 39 -43.73 21.63 -4.40
N GLY A 40 -43.04 22.22 -3.42
CA GLY A 40 -41.85 21.62 -2.83
C GLY A 40 -42.17 20.30 -2.17
N ILE A 41 -43.15 20.33 -1.27
CA ILE A 41 -43.56 19.14 -0.53
C ILE A 41 -44.02 18.02 -1.49
N ALA A 42 -44.72 18.39 -2.57
CA ALA A 42 -45.04 17.36 -3.60
C ALA A 42 -43.80 16.66 -4.17
N THR A 43 -42.74 17.46 -4.44
CA THR A 43 -41.44 17.00 -5.02
C THR A 43 -40.71 16.01 -4.11
N ILE A 44 -40.59 16.35 -2.83
CA ILE A 44 -40.03 15.41 -1.88
C ILE A 44 -40.89 14.15 -1.90
N THR A 45 -42.19 14.38 -1.89
CA THR A 45 -43.18 13.30 -1.85
C THR A 45 -43.01 12.35 -3.05
N LYS A 46 -43.02 12.87 -4.29
CA LYS A 46 -42.73 12.02 -5.46
C LYS A 46 -41.33 11.39 -5.50
N SER A 47 -40.33 12.10 -4.97
CA SER A 47 -38.98 11.53 -4.88
C SER A 47 -38.93 10.38 -3.88
N LEU A 48 -39.64 10.52 -2.76
CA LEU A 48 -39.75 9.46 -1.77
C LEU A 48 -40.53 8.24 -2.28
N SER A 49 -41.48 8.46 -3.18
CA SER A 49 -42.18 7.35 -3.79
C SER A 49 -41.21 6.54 -4.62
N LYS A 50 -40.35 7.25 -5.35
CA LYS A 50 -39.44 6.61 -6.28
C LYS A 50 -38.54 5.68 -5.51
N LEU A 51 -38.10 6.12 -4.34
CA LEU A 51 -37.28 5.28 -3.53
C LEU A 51 -38.10 4.06 -3.19
N VAL A 52 -39.37 4.30 -2.87
CA VAL A 52 -40.24 3.25 -2.39
C VAL A 52 -40.40 2.19 -3.47
N ALA A 53 -40.49 2.65 -4.71
CA ALA A 53 -40.73 1.75 -5.82
C ALA A 53 -39.60 0.73 -5.93
N LYS A 54 -38.38 1.16 -5.66
CA LYS A 54 -37.23 0.27 -5.76
C LYS A 54 -36.87 -0.35 -4.41
N GLU A 55 -37.74 -0.20 -3.44
CA GLU A 55 -37.55 -0.89 -2.17
C GLU A 55 -36.29 -0.43 -1.49
N LYS A 56 -35.95 0.82 -1.73
CA LYS A 56 -34.94 1.57 -0.99
C LYS A 56 -35.54 1.87 0.38
N ILE A 57 -36.86 2.11 0.40
CA ILE A 57 -37.64 2.21 1.65
C ILE A 57 -39.10 1.76 1.44
N THR A 58 -39.83 1.54 2.54
CA THR A 58 -41.28 1.26 2.49
C THR A 58 -42.10 2.50 2.79
N GLU A 59 -43.42 2.35 2.61
CA GLU A 59 -44.35 3.45 2.79
C GLU A 59 -44.26 4.07 4.18
N ALA A 60 -44.19 3.23 5.21
CA ALA A 60 -44.09 3.71 6.60
C ALA A 60 -42.92 4.67 6.81
N ASP A 61 -41.78 4.34 6.18
CA ASP A 61 -40.60 5.23 6.15
C ASP A 61 -40.97 6.56 5.48
N LYS A 62 -41.40 6.47 4.22
CA LYS A 62 -41.85 7.63 3.48
C LYS A 62 -42.66 8.57 4.33
N GLU A 63 -43.71 8.05 4.97
CA GLU A 63 -44.66 8.92 5.68
C GLU A 63 -44.12 9.33 7.01
N GLU A 64 -43.31 8.46 7.61
CA GLU A 64 -42.49 8.86 8.72
C GLU A 64 -41.65 10.10 8.33
N ILE A 65 -41.08 10.11 7.13
CA ILE A 65 -40.28 11.27 6.65
C ILE A 65 -41.17 12.50 6.51
N LEU A 66 -42.21 12.36 5.68
CA LEU A 66 -43.24 13.37 5.47
C LEU A 66 -43.83 13.94 6.77
N SER A 67 -43.86 13.14 7.81
CA SER A 67 -44.34 13.64 9.09
C SER A 67 -43.32 14.53 9.77
N ARG A 68 -42.03 14.38 9.46
CA ARG A 68 -41.02 15.28 10.01
C ARG A 68 -40.95 16.68 9.33
N ILE A 69 -41.64 16.85 8.21
CA ILE A 69 -41.54 18.07 7.42
C ILE A 69 -42.80 18.90 7.45
N SER A 70 -42.68 20.15 7.90
CA SER A 70 -43.76 21.12 7.81
C SER A 70 -43.40 22.35 6.96
N GLY A 71 -44.40 22.85 6.24
CA GLY A 71 -44.28 23.99 5.36
C GLY A 71 -44.74 25.28 6.00
N THR A 72 -44.22 26.39 5.51
CA THR A 72 -44.63 27.69 5.99
C THR A 72 -44.15 28.79 5.02
N THR A 73 -44.68 29.99 5.20
CA THR A 73 -44.15 31.17 4.61
C THR A 73 -43.77 32.17 5.65
N ASP A 74 -43.84 31.80 6.94
CA ASP A 74 -43.40 32.74 7.99
C ASP A 74 -42.04 32.40 8.60
N MET A 75 -41.06 33.21 8.21
CA MET A 75 -39.72 33.27 8.81
C MET A 75 -39.60 33.09 10.32
N LYS A 76 -40.62 33.52 11.06
CA LYS A 76 -40.59 33.45 12.52
C LYS A 76 -40.57 32.03 13.04
N LEU A 77 -41.00 31.09 12.21
CA LEU A 77 -40.90 29.68 12.53
C LEU A 77 -39.52 29.04 12.65
N ALA A 78 -38.46 29.82 12.51
CA ALA A 78 -37.10 29.33 12.66
C ALA A 78 -36.60 29.56 14.09
N ALA A 79 -37.48 29.99 14.96
CA ALA A 79 -37.02 30.45 16.26
C ALA A 79 -36.38 29.35 17.08
N ASP A 80 -36.84 28.13 16.91
CA ASP A 80 -36.32 26.99 17.70
C ASP A 80 -35.41 26.07 16.89
N CYS A 81 -35.12 26.41 15.61
CA CYS A 81 -34.28 25.48 14.83
C CYS A 81 -32.78 25.53 15.30
N ASP A 82 -32.12 24.37 15.21
CA ASP A 82 -30.72 24.23 15.59
C ASP A 82 -29.75 24.70 14.44
N LEU A 83 -30.21 24.58 13.19
CA LEU A 83 -29.48 24.89 11.99
C LEU A 83 -30.47 25.49 11.01
N VAL A 84 -30.07 26.60 10.41
CA VAL A 84 -30.70 27.06 9.17
C VAL A 84 -29.84 26.81 7.92
N VAL A 85 -30.49 26.43 6.84
CA VAL A 85 -29.79 26.20 5.60
C VAL A 85 -30.55 27.02 4.60
N GLU A 86 -29.95 28.14 4.20
CA GLU A 86 -30.60 29.05 3.30
C GLU A 86 -30.28 28.64 1.86
N ALA A 87 -31.32 28.27 1.11
CA ALA A 87 -31.25 27.98 -0.33
C ALA A 87 -32.24 28.84 -1.08
N ALA A 88 -32.19 30.14 -0.85
CA ALA A 88 -33.08 31.07 -1.54
C ALA A 88 -32.40 31.56 -2.84
N ILE A 89 -32.92 32.58 -3.51
CA ILE A 89 -32.26 33.01 -4.76
C ILE A 89 -30.88 33.65 -4.58
N GLU A 90 -30.08 33.46 -5.63
CA GLU A 90 -28.70 33.94 -5.64
C GLU A 90 -28.69 35.44 -5.78
N ASN A 91 -28.85 36.18 -4.69
CA ASN A 91 -28.81 37.66 -4.70
C ASN A 91 -28.36 38.20 -3.35
N MET A 92 -27.26 38.96 -3.33
CA MET A 92 -26.66 39.44 -2.10
C MET A 92 -27.64 40.17 -1.22
N LYS A 93 -28.30 41.19 -1.76
CA LYS A 93 -29.09 42.10 -0.90
C LYS A 93 -30.19 41.33 -0.14
N ILE A 94 -30.76 40.34 -0.81
CA ILE A 94 -31.73 39.46 -0.26
C ILE A 94 -31.14 38.55 0.85
N LYS A 95 -30.05 37.85 0.53
CA LYS A 95 -29.37 37.01 1.53
C LYS A 95 -29.04 37.82 2.75
N LYS A 96 -28.45 38.99 2.59
CA LYS A 96 -28.17 39.87 3.74
C LYS A 96 -29.43 40.08 4.61
N GLU A 97 -30.53 40.45 3.99
CA GLU A 97 -31.78 40.68 4.75
C GLU A 97 -32.32 39.40 5.43
N ILE A 98 -32.34 38.30 4.72
CA ILE A 98 -32.71 37.03 5.34
C ILE A 98 -31.90 36.77 6.60
N PHE A 99 -30.59 36.84 6.44
CA PHE A 99 -29.68 36.57 7.50
C PHE A 99 -29.76 37.57 8.64
N ALA A 100 -29.99 38.84 8.33
CA ALA A 100 -30.28 39.82 9.37
C ALA A 100 -31.53 39.39 10.14
N GLU A 101 -32.55 38.99 9.39
CA GLU A 101 -33.80 38.56 9.98
C GLU A 101 -33.65 37.31 10.88
N LEU A 102 -33.13 36.22 10.31
CA LEU A 102 -32.74 35.06 11.03
C LEU A 102 -31.92 35.34 12.29
N ASP A 103 -31.02 36.33 12.25
CA ASP A 103 -30.20 36.64 13.42
C ASP A 103 -31.07 37.12 14.59
N GLY A 104 -32.24 37.67 14.27
CA GLY A 104 -33.15 38.35 15.21
C GLY A 104 -34.03 37.26 15.77
N ILE A 105 -34.54 36.40 14.90
CA ILE A 105 -35.43 35.31 15.25
C ILE A 105 -34.86 34.12 15.99
N CYS A 106 -33.69 33.67 15.58
CA CYS A 106 -33.20 32.38 16.05
C CYS A 106 -32.56 32.48 17.45
N LYS A 107 -32.59 31.40 18.22
CA LYS A 107 -31.88 31.39 19.53
C LYS A 107 -30.41 31.52 19.27
N PRO A 108 -29.69 32.10 20.24
CA PRO A 108 -28.28 32.44 20.00
C PRO A 108 -27.41 31.30 19.50
N GLU A 109 -27.82 30.05 19.72
CA GLU A 109 -26.95 28.92 19.38
C GLU A 109 -27.13 28.43 17.94
N THR A 110 -28.27 28.70 17.31
CA THR A 110 -28.53 28.27 15.96
C THR A 110 -27.37 28.69 15.03
N ILE A 111 -27.01 27.79 14.14
CA ILE A 111 -25.99 28.05 13.13
C ILE A 111 -26.69 28.50 11.85
N LEU A 112 -26.20 29.59 11.26
CA LEU A 112 -26.82 30.07 9.99
C LEU A 112 -25.90 29.75 8.80
N ALA A 113 -26.34 28.83 7.95
CA ALA A 113 -25.58 28.42 6.83
C ALA A 113 -26.29 28.72 5.53
N SER A 114 -25.51 29.04 4.48
CA SER A 114 -26.05 29.26 3.12
C SER A 114 -25.50 28.23 2.12
N ASN A 115 -26.34 27.90 1.14
CA ASN A 115 -26.07 26.94 0.14
C ASN A 115 -25.61 27.66 -1.16
N THR A 116 -25.31 28.95 -1.09
CA THR A 116 -24.90 29.73 -2.23
C THR A 116 -23.64 29.16 -2.95
N SER A 117 -23.71 29.09 -4.27
CA SER A 117 -22.53 28.72 -5.08
C SER A 117 -21.57 29.87 -5.35
N SER A 118 -22.08 31.09 -5.35
CA SER A 118 -21.37 32.24 -5.90
C SER A 118 -21.35 33.55 -5.08
N LEU A 119 -21.89 33.57 -3.86
CA LEU A 119 -21.82 34.79 -3.07
C LEU A 119 -20.95 34.52 -1.84
N SER A 120 -20.33 35.58 -1.33
CA SER A 120 -19.41 35.52 -0.21
C SER A 120 -20.12 35.20 1.11
N ILE A 121 -19.83 34.05 1.70
CA ILE A 121 -20.28 33.71 3.02
C ILE A 121 -19.91 34.88 3.97
N THR A 122 -18.78 35.52 3.74
CA THR A 122 -18.28 36.49 4.69
C THR A 122 -19.11 37.76 4.64
N GLU A 123 -19.51 38.17 3.45
CA GLU A 123 -20.35 39.36 3.34
C GLU A 123 -21.75 39.07 3.95
N VAL A 124 -22.31 37.90 3.68
CA VAL A 124 -23.59 37.56 4.25
C VAL A 124 -23.51 37.64 5.80
N ALA A 125 -22.40 37.15 6.37
CA ALA A 125 -22.17 37.02 7.82
C ALA A 125 -22.12 38.38 8.50
N SER A 126 -21.65 39.36 7.77
CA SER A 126 -21.55 40.70 8.29
C SER A 126 -22.88 41.44 8.43
N ALA A 127 -23.93 40.97 7.79
CA ALA A 127 -25.25 41.51 7.96
C ALA A 127 -25.90 41.05 9.32
N THR A 128 -25.21 40.20 10.09
CA THR A 128 -25.73 39.62 11.34
C THR A 128 -24.76 40.03 12.39
N LYS A 129 -25.09 39.79 13.66
CA LYS A 129 -24.09 39.91 14.77
C LYS A 129 -23.64 38.58 15.27
N ARG A 130 -23.67 37.54 14.43
CA ARG A 130 -23.29 36.19 14.87
C ARG A 130 -22.45 35.54 13.74
N ALA A 131 -21.45 36.31 13.29
CA ALA A 131 -20.61 35.95 12.15
C ALA A 131 -19.88 34.63 12.44
N ASP A 132 -19.50 34.40 13.71
CA ASP A 132 -18.84 33.13 14.13
C ASP A 132 -19.72 31.90 13.91
N LYS A 133 -21.01 32.10 13.77
CA LYS A 133 -21.96 30.99 13.59
C LYS A 133 -22.56 30.93 12.19
N VAL A 134 -21.99 31.72 11.29
CA VAL A 134 -22.36 31.70 9.86
C VAL A 134 -21.32 30.92 8.98
N ILE A 135 -21.78 30.21 7.97
CA ILE A 135 -20.96 29.24 7.28
C ILE A 135 -21.71 28.92 5.98
N GLY A 136 -21.02 28.46 4.93
CA GLY A 136 -21.72 27.91 3.76
C GLY A 136 -21.84 26.41 3.85
N MET A 137 -22.92 25.86 3.29
CA MET A 137 -23.12 24.40 3.34
C MET A 137 -23.59 24.10 1.95
N HIS A 138 -22.62 23.81 1.08
CA HIS A 138 -22.88 23.85 -0.37
C HIS A 138 -23.11 22.40 -0.82
N PHE A 139 -24.35 22.08 -1.20
CA PHE A 139 -24.80 20.73 -1.56
C PHE A 139 -24.80 20.65 -3.07
N PHE A 140 -24.95 19.45 -3.57
CA PHE A 140 -24.93 19.20 -4.97
C PHE A 140 -26.21 18.49 -5.34
N ASN A 141 -26.76 18.98 -6.45
CA ASN A 141 -27.98 18.51 -7.01
C ASN A 141 -27.76 17.10 -7.61
N PRO A 142 -28.61 16.13 -7.24
CA PRO A 142 -29.72 16.20 -6.27
C PRO A 142 -29.22 16.03 -4.86
N ALA A 143 -29.67 16.88 -3.93
CA ALA A 143 -29.04 16.84 -2.59
C ALA A 143 -29.30 15.55 -1.79
N PRO A 144 -30.43 14.87 -2.07
CA PRO A 144 -30.61 13.55 -1.43
C PRO A 144 -29.49 12.57 -1.76
N VAL A 145 -29.00 12.58 -2.99
CA VAL A 145 -28.14 11.49 -3.44
C VAL A 145 -26.68 11.88 -3.31
N MET A 146 -26.34 13.12 -3.67
CA MET A 146 -24.95 13.48 -3.79
C MET A 146 -24.37 13.64 -2.40
N LYS A 147 -23.24 12.97 -2.19
CA LYS A 147 -22.60 12.89 -0.89
C LYS A 147 -21.85 14.09 -0.41
N LEU A 148 -21.36 14.93 -1.32
CA LEU A 148 -20.34 15.94 -0.91
C LEU A 148 -21.06 17.10 -0.29
N VAL A 149 -20.52 17.66 0.77
CA VAL A 149 -20.82 19.05 1.03
C VAL A 149 -19.58 19.90 1.30
N GLU A 150 -19.48 20.93 0.49
CA GLU A 150 -18.42 21.84 0.70
C GLU A 150 -18.87 22.69 1.88
N VAL A 151 -18.01 22.73 2.87
CA VAL A 151 -18.30 23.49 4.04
C VAL A 151 -17.37 24.66 4.02
N ILE A 152 -17.95 25.83 3.91
CA ILE A 152 -17.28 27.01 3.53
C ILE A 152 -17.18 27.96 4.69
N ARG A 153 -15.99 28.04 5.24
CA ARG A 153 -15.68 28.97 6.27
C ARG A 153 -15.52 30.38 5.76
N GLY A 154 -16.39 31.27 6.27
CA GLY A 154 -16.19 32.69 6.16
C GLY A 154 -14.97 33.06 6.96
N ALA A 155 -14.50 34.30 6.82
CA ALA A 155 -13.39 34.77 7.63
C ALA A 155 -13.59 34.62 9.17
N ALA A 156 -14.82 34.73 9.67
CA ALA A 156 -15.05 34.72 11.13
C ALA A 156 -15.75 33.46 11.60
N THR A 157 -16.03 32.52 10.70
CA THR A 157 -16.64 31.27 11.12
C THR A 157 -15.70 30.60 12.14
N SER A 158 -16.22 30.30 13.34
CA SER A 158 -15.47 29.63 14.40
C SER A 158 -15.15 28.17 14.06
N GLN A 159 -14.08 27.68 14.66
CA GLN A 159 -13.77 26.26 14.75
C GLN A 159 -14.93 25.40 15.26
N GLU A 160 -15.63 25.88 16.28
CA GLU A 160 -16.73 25.09 16.82
C GLU A 160 -17.95 25.03 15.84
N THR A 161 -18.24 26.13 15.13
CA THR A 161 -19.33 26.10 14.12
C THR A 161 -18.88 25.18 13.01
N PHE A 162 -17.62 25.33 12.59
CA PHE A 162 -17.13 24.37 11.57
C PHE A 162 -17.33 22.89 12.03
N ASP A 163 -16.78 22.58 13.21
CA ASP A 163 -16.83 21.21 13.81
C ASP A 163 -18.26 20.68 13.92
N ALA A 164 -19.16 21.59 14.29
CA ALA A 164 -20.58 21.29 14.37
C ALA A 164 -21.21 20.95 13.02
N VAL A 165 -20.85 21.73 12.00
CA VAL A 165 -21.46 21.49 10.68
C VAL A 165 -20.86 20.23 10.04
N LYS A 166 -19.61 19.98 10.32
CA LYS A 166 -18.97 18.77 9.89
C LYS A 166 -19.70 17.52 10.45
N GLU A 167 -19.90 17.51 11.78
CA GLU A 167 -20.52 16.34 12.44
C GLU A 167 -21.95 16.13 11.93
N MET A 168 -22.65 17.22 11.79
CA MET A 168 -23.95 17.21 11.22
C MET A 168 -24.00 16.72 9.76
N SER A 169 -22.99 17.12 8.96
CA SER A 169 -22.91 16.63 7.58
C SER A 169 -22.75 15.11 7.62
N GLU A 170 -21.80 14.67 8.41
CA GLU A 170 -21.60 13.24 8.62
C GLU A 170 -22.80 12.57 9.18
N SER A 171 -23.44 13.18 10.16
CA SER A 171 -24.58 12.50 10.79
C SER A 171 -25.72 12.32 9.77
N ILE A 172 -25.80 13.13 8.72
CA ILE A 172 -26.75 12.80 7.66
C ILE A 172 -26.11 12.01 6.51
N GLY A 173 -24.96 11.43 6.80
CA GLY A 173 -24.26 10.55 5.88
C GLY A 173 -23.66 11.26 4.66
N LYS A 174 -23.20 12.50 4.81
CA LYS A 174 -22.60 13.22 3.69
C LYS A 174 -21.14 13.30 4.03
N THR A 175 -20.30 13.53 3.03
CA THR A 175 -18.90 13.78 3.22
C THR A 175 -18.66 15.28 3.13
N PRO A 176 -18.34 15.91 4.26
CA PRO A 176 -17.99 17.31 4.22
C PRO A 176 -16.54 17.51 3.83
N VAL A 177 -16.23 18.65 3.19
CA VAL A 177 -14.83 19.04 2.96
C VAL A 177 -14.68 20.46 3.43
N GLU A 178 -13.61 20.73 4.14
CA GLU A 178 -13.34 22.06 4.60
C GLU A 178 -12.90 22.97 3.41
N VAL A 179 -13.58 24.11 3.25
CA VAL A 179 -13.13 25.14 2.35
C VAL A 179 -12.95 26.51 3.01
N ALA A 180 -11.75 27.10 2.96
CA ALA A 180 -11.59 28.55 3.31
C ALA A 180 -12.12 29.40 2.15
N GLU A 181 -13.07 30.27 2.43
CA GLU A 181 -13.81 30.90 1.37
C GLU A 181 -12.91 31.56 0.35
N ALA A 182 -13.15 31.19 -0.90
CA ALA A 182 -12.56 31.80 -2.07
C ALA A 182 -13.54 31.55 -3.20
N PRO A 183 -13.46 32.32 -4.27
CA PRO A 183 -14.48 32.21 -5.31
C PRO A 183 -14.48 30.86 -5.99
N GLY A 184 -15.66 30.31 -6.15
CA GLY A 184 -15.87 29.03 -6.80
C GLY A 184 -15.59 27.83 -5.91
N PHE A 185 -15.18 28.08 -4.67
CA PHE A 185 -14.85 27.02 -3.74
C PHE A 185 -13.84 26.06 -4.38
N VAL A 186 -14.12 24.77 -4.36
CA VAL A 186 -13.30 23.83 -5.09
C VAL A 186 -14.00 23.34 -6.34
N VAL A 187 -15.14 22.69 -6.16
CA VAL A 187 -15.76 22.02 -7.28
C VAL A 187 -16.00 22.97 -8.48
N ASN A 188 -16.68 24.08 -8.24
CA ASN A 188 -17.14 24.87 -9.36
C ASN A 188 -15.99 25.67 -9.97
N ARG A 189 -15.00 25.93 -9.14
CA ARG A 189 -13.84 26.61 -9.58
C ARG A 189 -13.09 25.75 -10.65
N ILE A 190 -13.14 24.43 -10.48
CA ILE A 190 -12.51 23.55 -11.52
C ILE A 190 -13.49 23.23 -12.60
N LEU A 191 -14.72 22.97 -12.22
CA LEU A 191 -15.65 22.31 -13.12
C LEU A 191 -16.16 23.32 -14.15
N ILE A 192 -16.51 24.54 -13.70
CA ILE A 192 -17.17 25.48 -14.61
C ILE A 192 -16.22 25.98 -15.71
N PRO A 193 -15.00 26.39 -15.35
CA PRO A 193 -14.05 26.76 -16.41
C PRO A 193 -13.75 25.64 -17.46
N MET A 194 -13.85 24.40 -16.99
CA MET A 194 -13.74 23.24 -17.89
C MET A 194 -14.85 23.33 -18.94
N ILE A 195 -16.07 23.57 -18.51
CA ILE A 195 -17.17 23.77 -19.51
C ILE A 195 -16.94 25.03 -20.41
N ASN A 196 -16.40 26.08 -19.80
CA ASN A 196 -16.12 27.29 -20.59
C ASN A 196 -15.05 27.04 -21.65
N GLU A 197 -14.07 26.20 -21.31
CA GLU A 197 -12.95 25.84 -22.25
C GLU A 197 -13.55 25.07 -23.42
N ALA A 198 -14.38 24.09 -23.09
CA ALA A 198 -15.12 23.45 -24.19
C ALA A 198 -15.91 24.38 -25.08
N THR A 199 -16.48 25.45 -24.51
CA THR A 199 -17.16 26.44 -25.38
C THR A 199 -16.18 27.16 -26.27
N PHE A 200 -14.92 27.30 -25.79
CA PHE A 200 -13.85 27.99 -26.55
C PHE A 200 -13.34 27.09 -27.66
N ILE A 201 -13.08 25.84 -27.30
CA ILE A 201 -12.83 24.84 -28.31
C ILE A 201 -13.85 24.85 -29.44
N LEU A 202 -15.13 24.92 -29.08
CA LEU A 202 -16.19 25.01 -30.12
C LEU A 202 -16.14 26.30 -30.96
N GLN A 203 -16.06 27.46 -30.28
CA GLN A 203 -16.09 28.77 -30.96
C GLN A 203 -14.92 28.92 -31.97
N GLU A 204 -13.78 28.29 -31.66
CA GLU A 204 -12.56 28.42 -32.46
C GLU A 204 -12.45 27.30 -33.47
N GLY A 205 -13.57 26.69 -33.86
CA GLY A 205 -13.52 25.70 -34.89
C GLY A 205 -12.73 24.44 -34.60
N VAL A 206 -12.24 24.23 -33.41
CA VAL A 206 -11.32 23.09 -33.19
C VAL A 206 -12.00 21.74 -33.37
N ALA A 207 -13.27 21.69 -33.03
CA ALA A 207 -14.06 20.44 -33.10
C ALA A 207 -15.53 20.68 -32.76
N LYS A 208 -16.40 19.77 -33.15
CA LYS A 208 -17.82 19.96 -33.02
C LYS A 208 -18.37 19.38 -31.70
N GLU A 209 -19.61 19.72 -31.40
CA GLU A 209 -20.16 19.49 -30.06
C GLU A 209 -19.99 18.06 -29.62
N GLU A 210 -20.56 17.17 -30.42
CA GLU A 210 -20.61 15.73 -30.04
C GLU A 210 -19.21 15.13 -29.84
N ASP A 211 -18.28 15.59 -30.65
CA ASP A 211 -16.90 15.16 -30.59
C ASP A 211 -16.17 15.63 -29.32
N ILE A 212 -16.46 16.85 -28.92
CA ILE A 212 -15.90 17.41 -27.71
C ILE A 212 -16.39 16.55 -26.57
N ASP A 213 -17.68 16.21 -26.59
CA ASP A 213 -18.16 15.44 -25.43
C ASP A 213 -17.74 14.00 -25.45
N ALA A 214 -17.57 13.39 -26.62
CA ALA A 214 -17.09 11.99 -26.65
C ALA A 214 -15.60 11.91 -26.16
N ALA A 215 -14.86 12.92 -26.57
CA ALA A 215 -13.49 13.11 -26.20
C ALA A 215 -13.35 13.04 -24.72
N MET A 216 -14.08 13.89 -23.99
CA MET A 216 -13.93 13.92 -22.52
C MET A 216 -14.46 12.64 -21.91
N LYS A 217 -15.55 12.12 -22.43
CA LYS A 217 -16.06 10.84 -21.88
C LYS A 217 -15.10 9.71 -22.12
N LEU A 218 -14.61 9.58 -23.37
CA LEU A 218 -13.86 8.35 -23.76
C LEU A 218 -12.37 8.53 -23.56
N GLY A 219 -11.93 9.78 -23.53
CA GLY A 219 -10.52 10.17 -23.30
C GLY A 219 -10.14 10.42 -21.85
N ALA A 220 -11.07 10.82 -21.01
CA ALA A 220 -10.75 11.05 -19.61
C ALA A 220 -11.67 10.30 -18.63
N ASN A 221 -12.56 9.42 -19.13
CA ASN A 221 -13.50 8.70 -18.29
C ASN A 221 -14.38 9.58 -17.40
N HIS A 222 -14.89 10.68 -17.95
CA HIS A 222 -15.81 11.56 -17.24
C HIS A 222 -17.14 11.00 -17.61
N PRO A 223 -18.06 10.96 -16.62
CA PRO A 223 -19.39 10.33 -16.78
C PRO A 223 -20.26 11.04 -17.82
N MET A 224 -19.97 12.31 -18.07
CA MET A 224 -20.69 13.08 -19.12
C MET A 224 -19.71 14.09 -19.75
N GLY A 225 -19.93 14.49 -20.97
CA GLY A 225 -19.12 15.51 -21.55
C GLY A 225 -19.56 16.89 -21.05
N PRO A 226 -18.70 17.88 -21.22
CA PRO A 226 -18.88 19.18 -20.61
C PRO A 226 -19.94 20.06 -21.25
N LEU A 227 -20.15 19.95 -22.55
CA LEU A 227 -21.22 20.65 -23.19
C LEU A 227 -22.62 20.13 -22.70
N ALA A 228 -22.84 18.82 -22.76
CA ALA A 228 -24.07 18.23 -22.18
C ALA A 228 -24.22 18.65 -20.75
N LEU A 229 -23.11 18.57 -20.00
CA LEU A 229 -23.13 18.90 -18.57
C LEU A 229 -23.50 20.37 -18.37
N GLY A 230 -23.07 21.21 -19.28
CA GLY A 230 -23.46 22.60 -19.20
C GLY A 230 -24.96 22.74 -19.37
N ASP A 231 -25.49 22.01 -20.35
CA ASP A 231 -26.94 21.99 -20.62
C ASP A 231 -27.71 21.48 -19.41
N LEU A 232 -27.09 20.60 -18.65
CA LEU A 232 -27.70 20.10 -17.46
C LEU A 232 -27.63 21.12 -16.33
N ILE A 233 -26.47 21.73 -16.10
CA ILE A 233 -26.39 22.72 -15.03
C ILE A 233 -27.23 23.95 -15.38
N GLY A 234 -27.47 24.21 -16.67
CA GLY A 234 -27.99 25.51 -17.13
C GLY A 234 -26.86 26.49 -17.54
N LEU A 235 -26.88 26.96 -18.79
CA LEU A 235 -25.83 27.84 -19.26
C LEU A 235 -25.85 29.19 -18.55
N ASP A 236 -27.04 29.69 -18.20
CA ASP A 236 -27.15 30.87 -17.31
C ASP A 236 -26.31 30.71 -16.05
N VAL A 237 -26.39 29.53 -15.45
CA VAL A 237 -25.60 29.23 -14.27
C VAL A 237 -24.08 29.17 -14.58
N CYS A 238 -23.69 28.54 -15.70
CA CYS A 238 -22.28 28.47 -16.09
C CYS A 238 -21.72 29.89 -16.26
N LEU A 239 -22.44 30.69 -17.01
CA LEU A 239 -22.07 32.07 -17.25
C LEU A 239 -21.93 32.93 -16.02
N ALA A 240 -22.90 32.81 -15.12
CA ALA A 240 -22.88 33.60 -13.88
C ALA A 240 -21.66 33.26 -13.07
N ILE A 241 -21.34 31.97 -13.00
CA ILE A 241 -20.18 31.54 -12.21
C ILE A 241 -18.85 31.97 -12.80
N MET A 242 -18.70 31.85 -14.13
CA MET A 242 -17.51 32.41 -14.84
C MET A 242 -17.47 33.88 -14.61
N ASP A 243 -18.62 34.58 -14.67
CA ASP A 243 -18.60 36.00 -14.33
C ASP A 243 -18.27 36.28 -12.88
N VAL A 244 -18.77 35.52 -11.91
CA VAL A 244 -18.31 35.82 -10.52
C VAL A 244 -16.80 35.59 -10.43
N LEU A 245 -16.32 34.50 -11.00
CA LEU A 245 -14.90 34.15 -10.81
C LEU A 245 -14.02 35.26 -11.37
N TYR A 246 -14.45 35.80 -12.51
CA TYR A 246 -13.73 36.86 -13.23
C TYR A 246 -13.78 38.20 -12.48
N ASN A 247 -14.98 38.60 -12.06
CA ASN A 247 -15.11 39.90 -11.29
C ASN A 247 -14.47 39.82 -9.93
N GLU A 248 -14.54 38.66 -9.26
CA GLU A 248 -13.89 38.48 -7.95
C GLU A 248 -12.40 38.50 -8.05
N THR A 249 -11.81 37.87 -9.07
CA THR A 249 -10.31 37.77 -9.21
C THR A 249 -9.69 38.82 -10.07
N GLY A 250 -10.49 39.40 -10.98
CA GLY A 250 -9.85 40.32 -11.91
C GLY A 250 -8.89 39.55 -12.83
N ASP A 251 -8.98 38.24 -12.84
CA ASP A 251 -8.13 37.40 -13.64
C ASP A 251 -8.78 36.86 -14.91
N THR A 252 -8.08 37.05 -16.00
CA THR A 252 -8.62 36.99 -17.30
C THR A 252 -8.74 35.54 -17.75
N LYS A 253 -8.01 34.72 -17.07
CA LYS A 253 -8.24 33.30 -17.09
C LYS A 253 -9.71 32.80 -17.04
N TYR A 254 -10.56 33.51 -16.28
CA TYR A 254 -11.94 33.14 -16.09
C TYR A 254 -12.88 33.93 -16.99
N ARG A 255 -12.37 34.41 -18.10
CA ARG A 255 -13.21 35.21 -18.94
C ARG A 255 -14.10 34.21 -19.70
N ALA A 256 -15.41 34.38 -19.65
CA ALA A 256 -16.36 33.52 -20.44
C ALA A 256 -16.19 33.76 -21.88
N SER A 257 -16.46 32.78 -22.71
CA SER A 257 -16.42 33.00 -24.12
C SER A 257 -17.63 33.81 -24.56
N SER A 258 -17.49 34.42 -25.75
CA SER A 258 -18.61 35.07 -26.37
C SER A 258 -19.71 34.08 -26.77
N LEU A 259 -19.35 32.87 -27.20
CA LEU A 259 -20.34 31.88 -27.57
C LEU A 259 -21.23 31.63 -26.37
N LEU A 260 -20.65 31.43 -25.16
CA LEU A 260 -21.47 31.27 -23.96
C LEU A 260 -22.45 32.43 -23.70
N ARG A 261 -22.01 33.68 -23.81
CA ARG A 261 -22.93 34.78 -23.51
C ARG A 261 -24.05 34.76 -24.56
N LYS A 262 -23.73 34.36 -25.77
CA LYS A 262 -24.64 34.47 -26.84
C LYS A 262 -25.75 33.43 -26.64
N TYR A 263 -25.39 32.22 -26.33
CA TYR A 263 -26.34 31.18 -26.09
C TYR A 263 -27.28 31.59 -24.92
N VAL A 264 -26.72 32.10 -23.85
CA VAL A 264 -27.52 32.59 -22.72
C VAL A 264 -28.51 33.70 -23.10
N ARG A 265 -28.13 34.57 -24.04
CA ARG A 265 -29.00 35.65 -24.44
C ARG A 265 -30.10 35.20 -25.40
N ALA A 266 -29.92 34.03 -26.00
CA ALA A 266 -30.90 33.49 -26.89
C ALA A 266 -31.96 32.71 -26.09
N GLY A 267 -31.79 32.53 -24.80
CA GLY A 267 -32.70 31.65 -24.06
C GLY A 267 -32.39 30.17 -24.18
N TRP A 268 -31.24 29.82 -24.77
CA TRP A 268 -30.84 28.45 -24.92
C TRP A 268 -30.03 28.06 -23.70
N LEU A 269 -30.77 27.88 -22.59
CA LEU A 269 -30.16 27.67 -21.32
C LEU A 269 -29.85 26.24 -21.02
N GLY A 270 -30.27 25.31 -21.89
CA GLY A 270 -30.09 23.94 -21.52
C GLY A 270 -31.32 23.08 -21.60
N ARG A 271 -31.29 22.04 -20.81
CA ARG A 271 -32.41 21.12 -20.71
C ARG A 271 -33.64 21.83 -20.22
N LYS A 272 -33.49 22.61 -19.15
CA LYS A 272 -34.58 23.36 -18.60
C LYS A 272 -35.34 24.21 -19.63
N THR A 273 -34.74 24.58 -20.76
CA THR A 273 -35.49 25.33 -21.76
C THR A 273 -35.64 24.46 -22.99
N GLY A 274 -35.34 23.18 -22.90
CA GLY A 274 -35.36 22.35 -24.08
C GLY A 274 -34.26 22.60 -25.12
N LYS A 275 -33.29 23.48 -24.86
CA LYS A 275 -32.24 23.79 -25.85
C LYS A 275 -31.06 24.55 -25.24
N GLY A 276 -29.89 23.93 -25.33
CA GLY A 276 -28.64 24.59 -24.92
C GLY A 276 -27.65 24.29 -26.03
N PHE A 277 -26.60 23.57 -25.69
CA PHE A 277 -25.72 23.09 -26.77
C PHE A 277 -26.40 22.04 -27.69
N TYR A 278 -27.30 21.27 -27.11
CA TYR A 278 -28.13 20.30 -27.85
C TYR A 278 -29.59 20.68 -27.76
N ASP A 279 -30.35 20.23 -28.75
CA ASP A 279 -31.80 20.32 -28.79
C ASP A 279 -32.36 19.18 -27.99
N TYR A 280 -33.36 19.42 -27.15
CA TYR A 280 -33.95 18.34 -26.36
C TYR A 280 -35.45 18.14 -26.70
N SER A 281 -36.10 17.16 -26.08
CA SER A 281 -37.55 16.89 -26.30
C SER A 281 -38.32 16.74 -24.98
N LYS A 282 -39.60 16.38 -25.07
CA LYS A 282 -40.47 16.03 -23.91
C LYS A 282 -39.91 16.31 -22.48
N MET B 1 -6.77 -0.54 -44.73
CA MET B 1 -5.37 -0.47 -44.23
C MET B 1 -5.18 -1.44 -43.08
N LYS B 2 -4.56 -2.58 -43.35
CA LYS B 2 -4.41 -3.61 -42.33
C LYS B 2 -2.95 -3.78 -41.93
N LYS B 3 -2.03 -3.26 -42.73
CA LYS B 3 -0.65 -3.38 -42.37
C LYS B 3 -0.17 -2.09 -41.75
N VAL B 4 0.37 -2.18 -40.54
CA VAL B 4 0.64 -1.03 -39.74
C VAL B 4 2.06 -1.07 -39.23
N PHE B 5 2.83 -0.04 -39.56
CA PHE B 5 4.17 0.24 -38.99
C PHE B 5 4.07 1.25 -37.82
N VAL B 6 4.55 0.88 -36.64
CA VAL B 6 4.57 1.73 -35.46
C VAL B 6 5.98 2.04 -35.02
N LEU B 7 6.40 3.32 -34.95
CA LEU B 7 7.77 3.62 -34.52
C LEU B 7 7.82 3.94 -33.06
N GLY B 8 8.75 3.29 -32.36
CA GLY B 8 8.93 3.44 -30.94
C GLY B 8 8.13 2.40 -30.20
N ALA B 9 8.65 2.01 -29.08
CA ALA B 9 8.17 0.80 -28.43
C ALA B 9 8.25 0.93 -26.90
N GLY B 10 8.17 2.18 -26.43
CA GLY B 10 7.94 2.47 -25.03
C GLY B 10 6.44 2.38 -24.80
N THR B 11 6.04 2.95 -23.68
CA THR B 11 4.67 2.94 -23.19
C THR B 11 3.63 2.99 -24.30
N MET B 12 3.69 4.02 -25.12
CA MET B 12 2.60 4.24 -26.06
C MET B 12 2.76 3.42 -27.33
N GLY B 13 3.96 3.35 -27.85
CA GLY B 13 4.20 2.41 -28.94
C GLY B 13 3.73 1.00 -28.58
N ALA B 14 4.19 0.44 -27.47
CA ALA B 14 3.76 -0.89 -27.10
C ALA B 14 2.24 -0.94 -27.03
N GLY B 15 1.63 0.05 -26.39
CA GLY B 15 0.16 0.05 -26.22
C GLY B 15 -0.55 0.16 -27.56
N ILE B 16 -0.07 1.06 -28.41
CA ILE B 16 -0.64 1.22 -29.74
C ILE B 16 -0.53 -0.04 -30.64
N VAL B 17 0.61 -0.71 -30.51
CA VAL B 17 0.90 -1.94 -31.25
C VAL B 17 -0.16 -2.96 -30.88
N GLN B 18 -0.23 -3.25 -29.57
CA GLN B 18 -1.28 -4.08 -29.04
C GLN B 18 -2.66 -3.68 -29.51
N ALA B 19 -2.92 -2.38 -29.56
CA ALA B 19 -4.28 -1.98 -29.90
C ALA B 19 -4.58 -2.47 -31.30
N PHE B 20 -3.64 -2.25 -32.22
CA PHE B 20 -3.82 -2.63 -33.61
C PHE B 20 -3.85 -4.15 -33.79
N ALA B 21 -2.93 -4.85 -33.15
CA ALA B 21 -2.82 -6.30 -33.25
C ALA B 21 -4.04 -7.03 -32.70
N ALA B 22 -4.60 -6.52 -31.61
CA ALA B 22 -5.72 -7.18 -30.91
C ALA B 22 -7.01 -7.26 -31.72
N LYS B 23 -7.11 -6.49 -32.79
CA LYS B 23 -8.26 -6.47 -33.66
C LYS B 23 -7.88 -7.01 -35.07
N GLY B 24 -6.72 -7.66 -35.17
CA GLY B 24 -6.39 -8.43 -36.35
C GLY B 24 -5.52 -7.75 -37.37
N CYS B 25 -4.89 -6.64 -37.03
CA CYS B 25 -3.96 -6.03 -37.96
C CYS B 25 -2.61 -6.76 -37.88
N GLU B 26 -1.90 -6.76 -39.01
CA GLU B 26 -0.50 -7.18 -39.05
C GLU B 26 0.29 -5.93 -38.64
N VAL B 27 1.16 -6.07 -37.67
CA VAL B 27 1.91 -4.92 -37.16
C VAL B 27 3.42 -5.12 -37.03
N ILE B 28 4.17 -4.25 -37.68
CA ILE B 28 5.60 -4.17 -37.45
C ILE B 28 5.92 -2.98 -36.50
N VAL B 29 6.74 -3.23 -35.48
CA VAL B 29 7.19 -2.21 -34.55
C VAL B 29 8.71 -2.06 -34.56
N ARG B 30 9.15 -0.83 -34.69
CA ARG B 30 10.51 -0.45 -34.97
C ARG B 30 11.06 0.43 -33.83
N ASP B 31 12.16 0.04 -33.21
CA ASP B 31 12.85 0.90 -32.28
C ASP B 31 14.34 1.04 -32.68
N ILE B 32 15.17 1.51 -31.76
CA ILE B 32 16.45 2.07 -32.17
C ILE B 32 17.52 1.01 -31.94
N LYS B 33 17.57 0.49 -30.73
CA LYS B 33 18.35 -0.66 -30.39
C LYS B 33 17.43 -1.86 -30.34
N GLU B 34 18.01 -3.04 -30.12
CA GLU B 34 17.32 -4.30 -30.28
C GLU B 34 16.67 -4.70 -28.93
N GLU B 35 17.33 -4.39 -27.83
CA GLU B 35 16.69 -4.59 -26.52
C GLU B 35 15.50 -3.67 -26.24
N PHE B 36 15.32 -2.62 -27.05
CA PHE B 36 14.15 -1.75 -26.87
C PHE B 36 12.90 -2.46 -27.42
N VAL B 37 13.08 -3.04 -28.60
CA VAL B 37 12.04 -3.75 -29.28
C VAL B 37 11.63 -4.89 -28.39
N ASP B 38 12.61 -5.60 -27.84
CA ASP B 38 12.31 -6.78 -27.02
C ASP B 38 11.42 -6.44 -25.81
N ARG B 39 11.89 -5.48 -25.00
CA ARG B 39 11.09 -4.78 -23.96
C ARG B 39 9.68 -4.38 -24.38
N GLY B 40 9.61 -3.72 -25.51
CA GLY B 40 8.28 -3.38 -26.03
C GLY B 40 7.41 -4.62 -26.15
N ILE B 41 7.99 -5.66 -26.74
CA ILE B 41 7.31 -6.94 -26.87
C ILE B 41 7.00 -7.63 -25.51
N ALA B 42 7.90 -7.57 -24.55
CA ALA B 42 7.63 -8.21 -23.27
C ALA B 42 6.55 -7.46 -22.48
N THR B 43 6.61 -6.13 -22.58
CA THR B 43 5.55 -5.19 -22.14
C THR B 43 4.16 -5.59 -22.63
N ILE B 44 4.05 -5.73 -23.95
CA ILE B 44 2.79 -6.18 -24.55
C ILE B 44 2.39 -7.55 -24.07
N THR B 45 3.39 -8.40 -23.87
CA THR B 45 3.13 -9.78 -23.50
C THR B 45 2.61 -9.81 -22.07
N LYS B 46 3.23 -9.02 -21.17
CA LYS B 46 2.76 -8.85 -19.77
C LYS B 46 1.34 -8.29 -19.69
N SER B 47 1.10 -7.22 -20.44
CA SER B 47 -0.27 -6.69 -20.57
C SER B 47 -1.29 -7.80 -21.01
N LEU B 48 -0.93 -8.62 -22.01
CA LEU B 48 -1.94 -9.62 -22.46
C LEU B 48 -2.19 -10.67 -21.43
N SER B 49 -1.14 -11.07 -20.73
CA SER B 49 -1.30 -11.99 -19.58
C SER B 49 -2.23 -11.44 -18.50
N LYS B 50 -2.14 -10.13 -18.29
CA LYS B 50 -3.06 -9.47 -17.36
C LYS B 50 -4.46 -9.58 -17.93
N LEU B 51 -4.64 -9.47 -19.23
CA LEU B 51 -5.97 -9.72 -19.76
C LEU B 51 -6.47 -11.18 -19.65
N VAL B 52 -5.53 -12.13 -19.63
CA VAL B 52 -5.92 -13.54 -19.54
C VAL B 52 -6.29 -13.85 -18.12
N ALA B 53 -5.48 -13.37 -17.18
CA ALA B 53 -5.78 -13.56 -15.74
C ALA B 53 -7.17 -12.97 -15.38
N LYS B 54 -7.50 -11.80 -15.94
CA LYS B 54 -8.84 -11.22 -15.87
C LYS B 54 -9.92 -12.06 -16.57
N GLU B 55 -9.51 -13.04 -17.36
CA GLU B 55 -10.44 -13.87 -18.12
C GLU B 55 -11.21 -13.03 -19.10
N LYS B 56 -10.57 -11.95 -19.52
CA LYS B 56 -11.07 -11.06 -20.55
C LYS B 56 -10.79 -11.63 -21.96
N ILE B 57 -9.72 -12.38 -22.09
CA ILE B 57 -9.41 -13.10 -23.31
C ILE B 57 -8.77 -14.41 -22.91
N THR B 58 -8.74 -15.33 -23.86
CA THR B 58 -8.09 -16.64 -23.68
C THR B 58 -6.61 -16.55 -23.91
N GLU B 59 -5.90 -17.47 -23.29
CA GLU B 59 -4.51 -17.68 -23.62
C GLU B 59 -4.28 -17.86 -25.17
N ALA B 60 -5.25 -18.42 -25.87
CA ALA B 60 -5.09 -18.57 -27.30
C ALA B 60 -5.16 -17.25 -28.05
N ASP B 61 -6.16 -16.39 -27.72
CA ASP B 61 -6.20 -14.99 -28.26
C ASP B 61 -4.84 -14.28 -28.06
N LYS B 62 -4.29 -14.42 -26.88
CA LYS B 62 -3.02 -13.80 -26.56
C LYS B 62 -1.91 -14.22 -27.55
N GLU B 63 -1.70 -15.54 -27.69
CA GLU B 63 -0.72 -16.07 -28.65
C GLU B 63 -1.00 -15.57 -30.04
N GLU B 64 -2.28 -15.47 -30.40
CA GLU B 64 -2.65 -14.96 -31.72
C GLU B 64 -2.35 -13.46 -31.95
N ILE B 65 -2.65 -12.62 -30.94
CA ILE B 65 -2.29 -11.19 -31.04
C ILE B 65 -0.77 -11.14 -31.25
N LEU B 66 -0.02 -11.79 -30.36
CA LEU B 66 1.47 -11.84 -30.44
C LEU B 66 1.97 -12.29 -31.82
N SER B 67 1.29 -13.28 -32.38
CA SER B 67 1.66 -13.83 -33.68
C SER B 67 1.54 -12.77 -34.76
N ARG B 68 0.74 -11.72 -34.50
CA ARG B 68 0.54 -10.68 -35.54
C ARG B 68 1.52 -9.53 -35.49
N ILE B 69 2.41 -9.55 -34.50
CA ILE B 69 3.37 -8.48 -34.25
C ILE B 69 4.82 -8.88 -34.45
N SER B 70 5.55 -8.16 -35.31
CA SER B 70 7.00 -8.32 -35.45
C SER B 70 7.89 -7.09 -35.14
N GLY B 71 9.06 -7.35 -34.55
CA GLY B 71 10.09 -6.36 -34.22
C GLY B 71 11.20 -6.22 -35.25
N THR B 72 11.83 -5.05 -35.31
CA THR B 72 12.84 -4.74 -36.33
C THR B 72 13.46 -3.43 -35.90
N THR B 73 14.63 -3.14 -36.42
CA THR B 73 15.23 -1.82 -36.31
C THR B 73 15.33 -1.26 -37.66
N ASP B 74 14.86 -1.99 -38.65
CA ASP B 74 15.03 -1.55 -39.99
C ASP B 74 13.80 -0.74 -40.35
N MET B 75 14.03 0.55 -40.56
CA MET B 75 13.03 1.48 -41.10
C MET B 75 12.53 1.16 -42.50
N LYS B 76 13.28 0.37 -43.23
CA LYS B 76 12.91 0.04 -44.59
C LYS B 76 11.65 -0.81 -44.58
N LEU B 77 11.48 -1.63 -43.54
CA LEU B 77 10.28 -2.48 -43.47
C LEU B 77 8.96 -1.70 -43.50
N ALA B 78 9.03 -0.36 -43.32
CA ALA B 78 7.84 0.46 -43.46
C ALA B 78 7.31 0.54 -44.86
N ALA B 79 8.18 0.27 -45.85
CA ALA B 79 7.90 0.67 -47.23
C ALA B 79 6.58 0.15 -47.79
N ASP B 80 6.16 -1.05 -47.34
CA ASP B 80 4.88 -1.61 -47.78
C ASP B 80 3.73 -1.61 -46.73
N CYS B 81 3.72 -0.68 -45.80
CA CYS B 81 2.65 -0.67 -44.82
C CYS B 81 1.63 0.41 -45.25
N ASP B 82 0.38 0.21 -44.85
CA ASP B 82 -0.73 1.12 -45.16
C ASP B 82 -0.78 2.36 -44.26
N LEU B 83 -0.31 2.21 -43.03
CA LEU B 83 -0.34 3.27 -42.09
C LEU B 83 0.92 3.19 -41.29
N VAL B 84 1.59 4.33 -41.13
CA VAL B 84 2.56 4.52 -40.05
C VAL B 84 1.99 5.38 -38.91
N VAL B 85 2.18 4.88 -37.71
CA VAL B 85 1.93 5.60 -36.50
C VAL B 85 3.27 5.81 -35.80
N GLU B 86 3.73 7.07 -35.82
CA GLU B 86 4.92 7.42 -35.10
C GLU B 86 4.61 7.74 -33.64
N ALA B 87 5.28 7.03 -32.74
CA ALA B 87 5.16 7.20 -31.30
C ALA B 87 6.51 7.14 -30.64
N ALA B 88 7.43 7.92 -31.21
CA ALA B 88 8.76 8.05 -30.71
C ALA B 88 8.85 9.31 -29.84
N ILE B 89 10.03 9.74 -29.48
CA ILE B 89 10.11 10.83 -28.54
C ILE B 89 9.69 12.22 -29.06
N GLU B 90 9.19 12.99 -28.08
CA GLU B 90 8.47 14.21 -28.30
C GLU B 90 9.56 15.26 -28.51
N ASN B 91 10.07 15.30 -29.73
CA ASN B 91 11.13 16.25 -30.11
C ASN B 91 10.93 16.54 -31.57
N MET B 92 10.98 17.81 -31.92
CA MET B 92 10.48 18.21 -33.21
C MET B 92 11.49 17.89 -34.31
N LYS B 93 12.76 18.16 -34.03
CA LYS B 93 13.86 17.92 -34.95
C LYS B 93 13.79 16.48 -35.44
N ILE B 94 13.63 15.58 -34.49
CA ILE B 94 13.70 14.17 -34.74
C ILE B 94 12.46 13.70 -35.50
N LYS B 95 11.27 14.09 -35.01
CA LYS B 95 10.05 13.76 -35.70
C LYS B 95 10.16 14.25 -37.14
N LYS B 96 10.79 15.38 -37.36
CA LYS B 96 10.94 15.87 -38.75
C LYS B 96 11.88 14.93 -39.59
N GLU B 97 12.96 14.44 -38.99
CA GLU B 97 13.85 13.44 -39.62
C GLU B 97 13.11 12.12 -39.88
N ILE B 98 12.47 11.59 -38.85
CA ILE B 98 11.68 10.38 -39.05
C ILE B 98 10.72 10.48 -40.24
N PHE B 99 10.01 11.61 -40.32
CA PHE B 99 8.92 11.76 -41.27
C PHE B 99 9.45 11.97 -42.68
N ALA B 100 10.59 12.66 -42.77
CA ALA B 100 11.37 12.81 -44.03
C ALA B 100 11.82 11.46 -44.54
N GLU B 101 12.50 10.73 -43.69
CA GLU B 101 12.95 9.42 -44.07
C GLU B 101 11.77 8.57 -44.49
N LEU B 102 10.69 8.62 -43.70
CA LEU B 102 9.51 7.82 -44.03
C LEU B 102 8.92 8.27 -45.36
N ASP B 103 9.04 9.54 -45.65
CA ASP B 103 8.55 10.03 -46.91
C ASP B 103 9.30 9.34 -48.07
N GLY B 104 10.63 9.26 -47.97
CA GLY B 104 11.52 8.61 -48.96
C GLY B 104 11.11 7.15 -49.13
N ILE B 105 10.93 6.45 -48.00
CA ILE B 105 10.80 4.98 -47.98
C ILE B 105 9.49 4.38 -48.46
N CYS B 106 8.41 4.86 -47.89
CA CYS B 106 7.10 4.27 -48.01
C CYS B 106 6.50 4.48 -49.40
N LYS B 107 5.67 3.55 -49.88
CA LYS B 107 4.89 3.80 -51.10
C LYS B 107 4.11 5.13 -50.98
N PRO B 108 3.68 5.70 -52.12
CA PRO B 108 3.04 7.01 -52.04
C PRO B 108 1.68 6.95 -51.33
N GLU B 109 1.12 5.74 -51.20
CA GLU B 109 -0.20 5.57 -50.60
C GLU B 109 -0.14 5.71 -49.09
N THR B 110 0.98 5.41 -48.48
CA THR B 110 1.02 5.25 -47.05
C THR B 110 0.66 6.56 -46.34
N ILE B 111 -0.19 6.44 -45.34
CA ILE B 111 -0.56 7.56 -44.53
C ILE B 111 0.41 7.60 -43.38
N LEU B 112 0.93 8.79 -43.07
CA LEU B 112 1.85 8.94 -41.94
C LEU B 112 1.32 9.81 -40.79
N ALA B 113 1.20 9.22 -39.60
CA ALA B 113 0.56 9.76 -38.46
C ALA B 113 1.44 9.85 -37.22
N SER B 114 1.34 10.97 -36.48
CA SER B 114 2.05 11.07 -35.20
C SER B 114 1.09 10.98 -34.01
N ASN B 115 1.60 10.50 -32.90
CA ASN B 115 0.85 10.34 -31.67
C ASN B 115 1.29 11.48 -30.71
N THR B 116 1.99 12.48 -31.24
CA THR B 116 2.47 13.61 -30.44
C THR B 116 1.30 14.27 -29.67
N SER B 117 1.53 14.54 -28.39
CA SER B 117 0.60 15.31 -27.59
C SER B 117 0.74 16.85 -27.78
N SER B 118 1.93 17.35 -28.12
CA SER B 118 2.21 18.73 -27.93
C SER B 118 2.96 19.49 -29.09
N LEU B 119 3.25 18.77 -30.17
CA LEU B 119 4.01 19.28 -31.25
C LEU B 119 3.03 19.44 -32.40
N SER B 120 3.33 20.35 -33.34
CA SER B 120 2.44 20.63 -34.46
C SER B 120 2.53 19.65 -35.62
N ILE B 121 1.41 19.09 -36.05
CA ILE B 121 1.41 18.14 -37.13
C ILE B 121 1.77 18.89 -38.42
N THR B 122 1.20 20.07 -38.58
CA THR B 122 1.47 20.90 -39.71
C THR B 122 2.99 21.07 -39.85
N GLU B 123 3.66 21.38 -38.76
CA GLU B 123 5.09 21.58 -38.83
C GLU B 123 5.82 20.29 -39.17
N VAL B 124 5.32 19.14 -38.70
CA VAL B 124 5.94 17.84 -39.01
C VAL B 124 5.81 17.53 -40.50
N ALA B 125 4.59 17.70 -41.02
CA ALA B 125 4.26 17.38 -42.38
C ALA B 125 5.02 18.27 -43.34
N SER B 126 5.39 19.44 -42.89
CA SER B 126 6.15 20.32 -43.75
C SER B 126 7.51 19.77 -44.08
N ALA B 127 7.95 18.73 -43.38
CA ALA B 127 9.24 18.18 -43.70
C ALA B 127 9.16 17.10 -44.81
N THR B 128 7.98 16.96 -45.42
CA THR B 128 7.66 15.87 -46.36
C THR B 128 7.01 16.42 -47.59
N LYS B 129 6.82 15.55 -48.57
CA LYS B 129 6.21 15.91 -49.84
C LYS B 129 4.87 15.21 -49.91
N ARG B 130 4.34 14.89 -48.75
CA ARG B 130 3.13 14.08 -48.56
C ARG B 130 2.25 14.80 -47.49
N ALA B 131 2.24 16.13 -47.42
CA ALA B 131 1.50 16.85 -46.34
C ALA B 131 0.03 16.39 -46.25
N ASP B 132 -0.55 16.16 -47.42
CA ASP B 132 -1.92 15.70 -47.55
C ASP B 132 -2.22 14.34 -46.90
N LYS B 133 -1.16 13.60 -46.58
CA LYS B 133 -1.23 12.28 -45.88
C LYS B 133 -0.55 12.23 -44.50
N VAL B 134 0.00 13.35 -44.06
CA VAL B 134 0.41 13.45 -42.66
C VAL B 134 -0.81 13.85 -41.81
N ILE B 135 -0.89 13.27 -40.61
CA ILE B 135 -2.04 13.41 -39.73
C ILE B 135 -1.61 13.01 -38.33
N GLY B 136 -2.37 13.45 -37.32
CA GLY B 136 -2.06 13.10 -35.95
C GLY B 136 -3.10 12.06 -35.59
N MET B 137 -2.68 11.10 -34.76
CA MET B 137 -3.52 10.02 -34.28
C MET B 137 -3.14 9.89 -32.84
N HIS B 138 -3.81 10.68 -31.99
CA HIS B 138 -3.41 10.85 -30.59
C HIS B 138 -4.27 9.90 -29.80
N PHE B 139 -3.59 8.89 -29.27
CA PHE B 139 -4.15 7.88 -28.42
C PHE B 139 -3.97 8.28 -26.97
N PHE B 140 -4.63 7.51 -26.09
CA PHE B 140 -4.64 7.73 -24.68
C PHE B 140 -4.25 6.52 -23.86
N ASN B 141 -3.41 6.76 -22.86
CA ASN B 141 -2.78 5.75 -22.05
C ASN B 141 -3.77 5.16 -21.03
N PRO B 142 -3.93 3.81 -20.97
CA PRO B 142 -3.29 2.79 -21.83
C PRO B 142 -4.04 2.64 -23.14
N ALA B 143 -3.34 2.77 -24.25
CA ALA B 143 -3.96 2.70 -25.56
C ALA B 143 -4.81 1.44 -25.94
N PRO B 144 -4.46 0.27 -25.40
CA PRO B 144 -5.37 -0.83 -25.68
C PRO B 144 -6.76 -0.69 -25.05
N VAL B 145 -6.91 0.05 -23.93
CA VAL B 145 -8.24 0.15 -23.25
C VAL B 145 -9.03 1.41 -23.64
N MET B 146 -8.36 2.55 -23.51
CA MET B 146 -8.98 3.82 -23.78
C MET B 146 -9.48 3.85 -25.22
N LYS B 147 -10.73 4.20 -25.41
CA LYS B 147 -11.36 4.08 -26.75
C LYS B 147 -11.26 5.28 -27.69
N LEU B 148 -10.69 6.38 -27.19
CA LEU B 148 -10.66 7.60 -27.96
C LEU B 148 -9.39 7.66 -28.80
N VAL B 149 -9.54 8.11 -30.04
CA VAL B 149 -8.38 8.70 -30.71
C VAL B 149 -8.72 10.04 -31.25
N GLU B 150 -7.98 11.05 -30.84
CA GLU B 150 -8.16 12.35 -31.41
C GLU B 150 -7.44 12.31 -32.76
N VAL B 151 -8.17 12.63 -33.81
CA VAL B 151 -7.61 12.61 -35.11
C VAL B 151 -7.35 14.01 -35.49
N ILE B 152 -6.07 14.34 -35.51
CA ILE B 152 -5.63 15.69 -35.67
C ILE B 152 -5.28 16.06 -37.10
N ARG B 153 -6.13 16.87 -37.70
CA ARG B 153 -5.88 17.44 -39.01
C ARG B 153 -4.95 18.63 -39.00
N GLY B 154 -3.80 18.45 -39.65
CA GLY B 154 -2.86 19.55 -39.94
C GLY B 154 -3.50 20.42 -40.98
N ALA B 155 -2.93 21.58 -41.25
CA ALA B 155 -3.49 22.51 -42.21
C ALA B 155 -3.71 21.81 -43.56
N ALA B 156 -2.78 20.95 -43.98
CA ALA B 156 -2.85 20.33 -45.33
C ALA B 156 -3.38 18.89 -45.30
N THR B 157 -3.71 18.35 -44.14
CA THR B 157 -4.31 17.02 -44.13
C THR B 157 -5.56 16.90 -45.00
N SER B 158 -5.54 16.00 -46.03
CA SER B 158 -6.66 15.91 -47.00
C SER B 158 -7.90 15.33 -46.34
N GLN B 159 -9.05 15.64 -46.93
CA GLN B 159 -10.26 14.96 -46.56
C GLN B 159 -10.13 13.43 -46.64
N GLU B 160 -9.47 13.02 -47.70
CA GLU B 160 -9.36 11.62 -48.02
C GLU B 160 -8.54 10.98 -46.90
N THR B 161 -7.42 11.59 -46.52
CA THR B 161 -6.60 11.02 -45.42
C THR B 161 -7.33 10.97 -44.08
N PHE B 162 -8.12 11.99 -43.77
CA PHE B 162 -8.92 11.98 -42.54
C PHE B 162 -9.94 10.83 -42.54
N ASP B 163 -10.68 10.73 -43.65
CA ASP B 163 -11.70 9.65 -43.82
C ASP B 163 -11.05 8.27 -43.65
N ALA B 164 -9.88 8.09 -44.25
CA ALA B 164 -9.21 6.80 -44.08
C ALA B 164 -8.78 6.50 -42.64
N VAL B 165 -8.23 7.50 -41.92
CA VAL B 165 -7.80 7.29 -40.55
C VAL B 165 -9.01 7.09 -39.65
N LYS B 166 -10.07 7.84 -39.91
CA LYS B 166 -11.35 7.59 -39.22
C LYS B 166 -11.86 6.13 -39.33
N GLU B 167 -11.98 5.61 -40.55
CA GLU B 167 -12.41 4.20 -40.74
C GLU B 167 -11.39 3.25 -40.10
N MET B 168 -10.13 3.52 -40.32
CA MET B 168 -9.16 2.68 -39.69
C MET B 168 -9.36 2.60 -38.17
N SER B 169 -9.57 3.74 -37.51
CA SER B 169 -9.84 3.76 -36.05
C SER B 169 -11.06 2.94 -35.60
N GLU B 170 -12.16 3.08 -36.32
CA GLU B 170 -13.40 2.33 -36.06
C GLU B 170 -13.17 0.85 -36.26
N SER B 171 -12.38 0.54 -37.28
CA SER B 171 -12.08 -0.84 -37.60
C SER B 171 -11.33 -1.46 -36.44
N ILE B 172 -10.57 -0.71 -35.64
CA ILE B 172 -9.99 -1.38 -34.46
C ILE B 172 -10.81 -1.17 -33.19
N GLY B 173 -12.10 -0.81 -33.33
CA GLY B 173 -13.00 -0.58 -32.18
C GLY B 173 -12.75 0.70 -31.37
N LYS B 174 -12.18 1.75 -31.96
CA LYS B 174 -11.92 3.01 -31.27
C LYS B 174 -12.88 4.06 -31.79
N THR B 175 -13.12 5.08 -31.00
CA THR B 175 -13.95 6.20 -31.39
C THR B 175 -13.07 7.38 -31.78
N PRO B 176 -12.97 7.64 -33.07
CA PRO B 176 -12.15 8.77 -33.52
C PRO B 176 -12.93 10.05 -33.40
N VAL B 177 -12.26 11.18 -33.14
CA VAL B 177 -12.93 12.47 -33.24
C VAL B 177 -12.08 13.34 -34.00
N GLU B 178 -12.68 14.15 -34.88
CA GLU B 178 -11.98 15.05 -35.73
C GLU B 178 -11.55 16.33 -34.98
N VAL B 179 -10.30 16.75 -35.18
CA VAL B 179 -9.73 17.91 -34.50
C VAL B 179 -8.99 18.75 -35.51
N ALA B 180 -9.39 19.99 -35.73
CA ALA B 180 -8.55 20.88 -36.49
C ALA B 180 -7.43 21.23 -35.54
N GLU B 181 -6.18 21.11 -35.97
CA GLU B 181 -5.07 21.20 -35.03
C GLU B 181 -5.04 22.50 -34.27
N ALA B 182 -4.95 22.40 -32.95
CA ALA B 182 -4.75 23.54 -32.07
C ALA B 182 -4.13 23.03 -30.79
N PRO B 183 -3.47 23.99 -30.01
CA PRO B 183 -2.74 23.43 -28.86
C PRO B 183 -3.60 22.70 -27.85
N GLY B 184 -3.15 21.51 -27.48
CA GLY B 184 -3.82 20.69 -26.52
C GLY B 184 -4.98 19.92 -27.08
N PHE B 185 -5.26 20.12 -28.35
CA PHE B 185 -6.35 19.45 -29.03
C PHE B 185 -7.62 19.67 -28.22
N VAL B 186 -8.35 18.62 -27.90
CA VAL B 186 -9.50 18.76 -27.03
C VAL B 186 -9.22 18.29 -25.61
N VAL B 187 -8.86 17.03 -25.45
CA VAL B 187 -8.74 16.50 -24.12
C VAL B 187 -7.70 17.20 -23.27
N ASN B 188 -6.47 17.35 -23.76
CA ASN B 188 -5.45 17.87 -22.80
C ASN B 188 -5.70 19.33 -22.48
N ARG B 189 -6.35 20.00 -23.44
CA ARG B 189 -6.66 21.41 -23.34
C ARG B 189 -7.66 21.67 -22.25
N ILE B 190 -8.59 20.73 -22.06
CA ILE B 190 -9.53 20.77 -20.91
C ILE B 190 -8.97 20.13 -19.66
N LEU B 191 -8.41 18.93 -19.75
CA LEU B 191 -7.98 18.19 -18.58
C LEU B 191 -6.80 18.82 -17.79
N ILE B 192 -5.76 19.20 -18.50
CA ILE B 192 -4.57 19.59 -17.77
C ILE B 192 -4.76 20.89 -16.95
N PRO B 193 -5.35 21.95 -17.53
CA PRO B 193 -5.58 23.20 -16.72
C PRO B 193 -6.55 22.97 -15.53
N MET B 194 -7.45 22.00 -15.67
CA MET B 194 -8.20 21.53 -14.56
C MET B 194 -7.27 21.03 -13.47
N ILE B 195 -6.24 20.30 -13.85
CA ILE B 195 -5.23 19.88 -12.82
C ILE B 195 -4.45 21.04 -12.28
N ASN B 196 -4.05 21.95 -13.16
CA ASN B 196 -3.32 23.16 -12.78
C ASN B 196 -4.19 24.03 -11.88
N GLU B 197 -5.47 24.05 -12.19
CA GLU B 197 -6.41 24.75 -11.29
C GLU B 197 -6.41 24.17 -9.88
N ALA B 198 -6.35 22.87 -9.79
CA ALA B 198 -6.30 22.26 -8.46
C ALA B 198 -5.00 22.60 -7.77
N THR B 199 -3.93 22.85 -8.52
CA THR B 199 -2.67 23.32 -7.87
C THR B 199 -2.84 24.71 -7.35
N PHE B 200 -3.65 25.52 -8.04
CA PHE B 200 -3.76 26.95 -7.59
C PHE B 200 -4.53 26.97 -6.27
N ILE B 201 -5.66 26.28 -6.27
CA ILE B 201 -6.49 26.10 -5.08
C ILE B 201 -5.67 25.71 -3.88
N LEU B 202 -4.77 24.74 -4.09
CA LEU B 202 -3.94 24.27 -3.02
C LEU B 202 -2.98 25.32 -2.63
N GLN B 203 -2.37 26.00 -3.60
CA GLN B 203 -1.34 26.99 -3.31
C GLN B 203 -1.92 28.21 -2.55
N GLU B 204 -3.16 28.54 -2.87
CA GLU B 204 -3.83 29.67 -2.27
C GLU B 204 -4.50 29.27 -0.92
N GLY B 205 -4.15 28.10 -0.39
CA GLY B 205 -4.70 27.68 0.86
C GLY B 205 -6.21 27.50 0.90
N VAL B 206 -6.85 27.22 -0.21
CA VAL B 206 -8.35 27.10 -0.17
C VAL B 206 -8.73 25.81 0.51
N ALA B 207 -7.92 24.79 0.28
CA ALA B 207 -8.23 23.43 0.73
C ALA B 207 -7.05 22.52 0.58
N LYS B 208 -7.11 21.40 1.26
CA LYS B 208 -6.00 20.47 1.28
C LYS B 208 -6.17 19.32 0.25
N GLU B 209 -5.09 18.64 0.02
CA GLU B 209 -5.01 17.66 -1.08
C GLU B 209 -6.16 16.72 -1.09
N GLU B 210 -6.29 15.97 0.00
CA GLU B 210 -7.33 14.93 0.04
C GLU B 210 -8.71 15.55 -0.20
N ASP B 211 -8.93 16.73 0.36
CA ASP B 211 -10.22 17.37 0.20
C ASP B 211 -10.50 17.81 -1.23
N ILE B 212 -9.50 18.40 -1.86
CA ILE B 212 -9.67 18.83 -3.25
C ILE B 212 -10.08 17.61 -4.08
N ASP B 213 -9.40 16.51 -3.88
CA ASP B 213 -9.76 15.33 -4.66
C ASP B 213 -11.09 14.71 -4.29
N ALA B 214 -11.40 14.62 -2.99
CA ALA B 214 -12.69 14.01 -2.65
C ALA B 214 -13.79 14.85 -3.30
N ALA B 215 -13.60 16.17 -3.24
CA ALA B 215 -14.57 17.13 -3.75
C ALA B 215 -14.81 16.87 -5.22
N MET B 216 -13.74 16.73 -5.99
CA MET B 216 -13.96 16.43 -7.42
C MET B 216 -14.63 15.08 -7.64
N LYS B 217 -14.29 14.10 -6.83
CA LYS B 217 -14.87 12.78 -7.06
C LYS B 217 -16.28 12.71 -6.60
N LEU B 218 -16.56 13.20 -5.41
CA LEU B 218 -17.94 13.11 -4.95
C LEU B 218 -18.80 14.23 -5.54
N GLY B 219 -18.22 15.41 -5.72
CA GLY B 219 -19.02 16.51 -6.19
C GLY B 219 -19.26 16.48 -7.65
N ALA B 220 -18.38 15.87 -8.43
CA ALA B 220 -18.49 15.88 -9.88
C ALA B 220 -18.56 14.52 -10.54
N ASN B 221 -18.50 13.44 -9.73
CA ASN B 221 -18.44 12.08 -10.23
C ASN B 221 -17.27 11.77 -11.15
N HIS B 222 -16.10 12.35 -10.89
CA HIS B 222 -14.93 12.03 -11.64
C HIS B 222 -14.36 10.79 -10.99
N PRO B 223 -13.81 9.86 -11.77
CA PRO B 223 -13.33 8.61 -11.18
C PRO B 223 -12.05 8.81 -10.40
N MET B 224 -11.36 9.90 -10.60
CA MET B 224 -10.20 10.18 -9.77
C MET B 224 -10.11 11.74 -9.64
N GLY B 225 -9.59 12.25 -8.56
CA GLY B 225 -9.44 13.66 -8.39
C GLY B 225 -8.26 14.18 -9.20
N PRO B 226 -8.18 15.50 -9.38
CA PRO B 226 -7.18 16.09 -10.21
C PRO B 226 -5.74 15.88 -9.74
N LEU B 227 -5.48 16.03 -8.45
CA LEU B 227 -4.11 15.95 -7.92
C LEU B 227 -3.63 14.50 -8.10
N ALA B 228 -4.35 13.51 -7.60
CA ALA B 228 -4.00 12.10 -7.92
C ALA B 228 -3.74 11.85 -9.40
N LEU B 229 -4.56 12.48 -10.21
CA LEU B 229 -4.48 12.29 -11.64
C LEU B 229 -3.23 12.93 -12.20
N GLY B 230 -2.85 14.08 -11.67
CA GLY B 230 -1.55 14.67 -12.01
C GLY B 230 -0.38 13.73 -11.69
N ASP B 231 -0.43 13.16 -10.49
CA ASP B 231 0.56 12.20 -9.97
C ASP B 231 0.65 10.97 -10.87
N LEU B 232 -0.50 10.57 -11.39
CA LEU B 232 -0.58 9.52 -12.37
C LEU B 232 -0.12 9.90 -13.83
N ILE B 233 -0.45 11.09 -14.35
CA ILE B 233 0.01 11.48 -15.70
C ILE B 233 1.50 11.84 -15.62
N GLY B 234 1.95 12.28 -14.46
CA GLY B 234 3.29 12.83 -14.30
C GLY B 234 3.16 14.34 -14.24
N LEU B 235 3.79 14.93 -13.23
CA LEU B 235 3.71 16.35 -12.99
C LEU B 235 4.58 17.10 -13.97
N ASP B 236 5.65 16.47 -14.47
CA ASP B 236 6.50 17.08 -15.51
C ASP B 236 5.71 17.22 -16.79
N VAL B 237 4.84 16.27 -17.01
CA VAL B 237 4.04 16.22 -18.24
C VAL B 237 2.95 17.27 -18.18
N CYS B 238 2.29 17.33 -17.03
CA CYS B 238 1.35 18.37 -16.72
C CYS B 238 2.03 19.73 -16.93
N LEU B 239 3.20 19.92 -16.31
CA LEU B 239 3.86 21.22 -16.41
C LEU B 239 4.25 21.55 -17.83
N ALA B 240 4.74 20.57 -18.54
CA ALA B 240 5.14 20.83 -19.92
C ALA B 240 3.98 21.18 -20.76
N ILE B 241 2.84 20.53 -20.51
CA ILE B 241 1.63 20.85 -21.35
C ILE B 241 1.05 22.28 -21.10
N MET B 242 0.96 22.70 -19.83
CA MET B 242 0.61 24.13 -19.50
C MET B 242 1.59 25.09 -20.13
N ASP B 243 2.89 24.80 -20.09
CA ASP B 243 3.83 25.63 -20.87
C ASP B 243 3.61 25.67 -22.38
N VAL B 244 3.39 24.53 -23.03
CA VAL B 244 3.00 24.58 -24.44
C VAL B 244 1.74 25.44 -24.71
N LEU B 245 0.69 25.26 -23.91
CA LEU B 245 -0.53 26.01 -24.18
C LEU B 245 -0.26 27.48 -24.02
N TYR B 246 0.57 27.80 -23.07
CA TYR B 246 0.87 29.19 -22.77
C TYR B 246 1.78 29.73 -23.86
N ASN B 247 2.80 28.99 -24.28
CA ASN B 247 3.72 29.57 -25.30
C ASN B 247 3.08 29.69 -26.64
N GLU B 248 2.17 28.76 -26.98
CA GLU B 248 1.50 28.73 -28.28
C GLU B 248 0.49 29.85 -28.42
N THR B 249 -0.33 30.05 -27.37
CA THR B 249 -1.41 31.04 -27.32
C THR B 249 -1.03 32.43 -26.86
N GLY B 250 0.03 32.56 -26.07
CA GLY B 250 0.24 33.85 -25.40
C GLY B 250 -0.80 34.20 -24.31
N ASP B 251 -1.59 33.22 -23.91
CA ASP B 251 -2.74 33.48 -23.11
C ASP B 251 -2.43 33.13 -21.68
N THR B 252 -2.36 34.19 -20.91
CA THR B 252 -2.11 34.13 -19.43
C THR B 252 -2.95 33.14 -18.64
N LYS B 253 -4.08 32.81 -19.21
CA LYS B 253 -4.97 31.77 -18.72
C LYS B 253 -4.31 30.40 -18.49
N TYR B 254 -3.31 30.07 -19.33
CA TYR B 254 -2.66 28.78 -19.26
C TYR B 254 -1.36 28.81 -18.46
N ARG B 255 -1.20 29.83 -17.62
CA ARG B 255 0.07 29.98 -16.86
C ARG B 255 0.06 28.95 -15.78
N ALA B 256 1.19 28.29 -15.60
CA ALA B 256 1.26 27.22 -14.57
C ALA B 256 1.46 27.86 -13.24
N SER B 257 1.01 27.18 -12.19
CA SER B 257 1.21 27.66 -10.87
C SER B 257 2.68 27.52 -10.50
N SER B 258 3.16 28.44 -9.67
CA SER B 258 4.50 28.29 -9.10
C SER B 258 4.70 26.95 -8.35
N LEU B 259 3.69 26.51 -7.59
CA LEU B 259 3.75 25.28 -6.84
C LEU B 259 4.01 24.08 -7.78
N LEU B 260 3.37 24.02 -8.93
CA LEU B 260 3.65 22.95 -9.85
C LEU B 260 5.10 22.95 -10.32
N ARG B 261 5.67 24.13 -10.59
CA ARG B 261 7.04 24.17 -11.09
C ARG B 261 8.01 23.71 -9.97
N LYS B 262 7.63 23.92 -8.74
CA LYS B 262 8.51 23.61 -7.62
C LYS B 262 8.51 22.12 -7.39
N TYR B 263 7.37 21.47 -7.54
CA TYR B 263 7.25 20.06 -7.35
C TYR B 263 8.06 19.36 -8.46
N VAL B 264 7.88 19.77 -9.70
CA VAL B 264 8.75 19.24 -10.77
C VAL B 264 10.25 19.49 -10.43
N ARG B 265 10.64 20.63 -9.88
CA ARG B 265 12.11 20.82 -9.64
C ARG B 265 12.63 19.99 -8.46
N ALA B 266 11.75 19.57 -7.56
CA ALA B 266 12.09 18.63 -6.52
C ALA B 266 12.17 17.19 -7.05
N GLY B 267 11.80 16.90 -8.30
CA GLY B 267 11.70 15.51 -8.72
C GLY B 267 10.50 14.79 -8.13
N TRP B 268 9.51 15.55 -7.67
CA TRP B 268 8.26 14.98 -7.18
C TRP B 268 7.27 14.84 -8.31
N LEU B 269 7.57 13.88 -9.17
CA LEU B 269 6.94 13.84 -10.45
C LEU B 269 5.66 13.07 -10.40
N GLY B 270 5.39 12.42 -9.25
CA GLY B 270 4.18 11.56 -9.15
C GLY B 270 4.46 10.10 -8.76
N ARG B 271 3.59 9.19 -9.21
CA ARG B 271 3.82 7.76 -9.01
C ARG B 271 5.23 7.38 -9.42
N LYS B 272 5.61 7.71 -10.66
CA LYS B 272 6.84 7.14 -11.21
C LYS B 272 8.11 7.56 -10.50
N THR B 273 8.02 8.45 -9.53
CA THR B 273 9.17 8.68 -8.69
C THR B 273 8.77 8.36 -7.28
N GLY B 274 7.60 7.72 -7.10
CA GLY B 274 7.01 7.49 -5.78
C GLY B 274 6.58 8.70 -4.95
N LYS B 275 6.71 9.92 -5.50
CA LYS B 275 6.21 11.12 -4.83
C LYS B 275 5.80 12.26 -5.82
N GLY B 276 4.56 12.67 -5.70
CA GLY B 276 4.11 13.90 -6.31
C GLY B 276 3.27 14.62 -5.30
N PHE B 277 1.98 14.74 -5.60
CA PHE B 277 1.07 15.38 -4.67
C PHE B 277 0.91 14.48 -3.48
N TYR B 278 0.85 13.19 -3.72
CA TYR B 278 0.92 12.27 -2.62
C TYR B 278 2.25 11.53 -2.54
N ASP B 279 2.56 11.09 -1.35
CA ASP B 279 3.71 10.23 -1.12
C ASP B 279 3.28 8.81 -1.38
N TYR B 280 4.07 8.07 -2.14
CA TYR B 280 3.70 6.71 -2.52
C TYR B 280 4.71 5.71 -2.00
N SER B 281 4.29 4.46 -1.85
CA SER B 281 5.20 3.41 -1.41
C SER B 281 4.96 2.11 -2.16
N LYS B 282 6.02 1.34 -2.38
CA LYS B 282 5.88 0.07 -3.09
C LYS B 282 5.69 -1.09 -2.12
N MET C 1 -18.94 -23.06 5.57
CA MET C 1 -19.57 -22.24 6.63
C MET C 1 -19.92 -20.86 6.02
N LYS C 2 -21.21 -20.56 5.98
CA LYS C 2 -21.68 -19.28 5.48
C LYS C 2 -21.51 -18.24 6.56
N LYS C 3 -21.60 -18.67 7.80
CA LYS C 3 -22.01 -17.78 8.84
C LYS C 3 -21.18 -17.97 10.08
N VAL C 4 -20.58 -16.89 10.55
CA VAL C 4 -19.57 -16.97 11.59
C VAL C 4 -19.92 -16.02 12.73
N PHE C 5 -19.96 -16.56 13.95
CA PHE C 5 -20.13 -15.75 15.13
C PHE C 5 -18.75 -15.46 15.73
N VAL C 6 -18.39 -14.18 15.85
CA VAL C 6 -17.14 -13.80 16.55
C VAL C 6 -17.38 -13.06 17.86
N LEU C 7 -16.70 -13.46 18.93
CA LEU C 7 -16.72 -12.72 20.22
C LEU C 7 -15.48 -11.90 20.47
N GLY C 8 -15.67 -10.60 20.72
CA GLY C 8 -14.58 -9.67 20.95
C GLY C 8 -14.41 -8.71 19.79
N ALA C 9 -14.48 -7.42 20.11
CA ALA C 9 -14.41 -6.38 19.08
C ALA C 9 -13.02 -5.76 19.08
N GLY C 10 -12.18 -6.15 20.04
CA GLY C 10 -10.80 -5.69 20.08
C GLY C 10 -9.94 -6.09 18.88
N THR C 11 -8.65 -6.17 19.15
CA THR C 11 -7.63 -6.26 18.13
C THR C 11 -7.83 -7.40 17.17
N MET C 12 -8.00 -8.56 17.78
CA MET C 12 -8.00 -9.80 17.06
C MET C 12 -9.38 -10.10 16.59
N GLY C 13 -10.36 -10.02 17.49
CA GLY C 13 -11.73 -10.14 17.05
C GLY C 13 -12.01 -9.33 15.78
N ALA C 14 -11.67 -8.02 15.79
CA ALA C 14 -11.86 -7.18 14.57
C ALA C 14 -11.22 -7.83 13.36
N GLY C 15 -9.90 -8.00 13.42
CA GLY C 15 -9.15 -8.67 12.35
C GLY C 15 -9.73 -10.01 11.90
N ILE C 16 -10.13 -10.84 12.86
CA ILE C 16 -10.79 -12.13 12.53
C ILE C 16 -12.12 -11.89 11.78
N VAL C 17 -12.91 -10.95 12.26
CA VAL C 17 -14.17 -10.61 11.60
C VAL C 17 -13.88 -10.23 10.16
N GLN C 18 -12.99 -9.27 10.03
CA GLN C 18 -12.48 -8.87 8.74
C GLN C 18 -11.98 -10.01 7.86
N ALA C 19 -11.27 -10.97 8.43
CA ALA C 19 -10.66 -12.04 7.64
C ALA C 19 -11.71 -12.94 7.00
N PHE C 20 -12.79 -13.17 7.73
CA PHE C 20 -13.89 -13.98 7.26
C PHE C 20 -14.71 -13.20 6.24
N ALA C 21 -15.03 -11.96 6.55
CA ALA C 21 -16.00 -11.20 5.77
C ALA C 21 -15.38 -10.81 4.46
N ALA C 22 -14.08 -10.59 4.47
CA ALA C 22 -13.39 -10.22 3.27
C ALA C 22 -13.35 -11.35 2.27
N LYS C 23 -13.64 -12.56 2.71
CA LYS C 23 -13.61 -13.68 1.81
C LYS C 23 -15.03 -14.18 1.56
N GLY C 24 -16.02 -13.52 2.13
CA GLY C 24 -17.39 -13.79 1.71
C GLY C 24 -18.33 -14.27 2.80
N CYS C 25 -17.83 -14.61 3.99
CA CYS C 25 -18.71 -14.99 5.09
C CYS C 25 -19.54 -13.80 5.65
N GLU C 26 -20.80 -14.06 6.00
CA GLU C 26 -21.54 -13.19 6.95
C GLU C 26 -20.86 -13.31 8.29
N VAL C 27 -20.74 -12.22 9.03
CA VAL C 27 -20.22 -12.33 10.38
C VAL C 27 -20.99 -11.48 11.39
N ILE C 28 -21.17 -12.05 12.58
CA ILE C 28 -21.84 -11.37 13.63
C ILE C 28 -20.89 -11.32 14.81
N VAL C 29 -20.63 -10.11 15.30
CA VAL C 29 -19.57 -9.89 16.25
C VAL C 29 -20.13 -9.34 17.56
N ARG C 30 -19.89 -10.05 18.66
CA ARG C 30 -20.55 -9.76 19.92
C ARG C 30 -19.59 -9.32 20.98
N ASP C 31 -19.87 -8.17 21.58
CA ASP C 31 -19.05 -7.64 22.67
C ASP C 31 -19.91 -7.18 23.84
N ILE C 32 -19.27 -6.92 24.98
CA ILE C 32 -19.94 -6.52 26.24
C ILE C 32 -20.74 -5.21 26.16
N LYS C 33 -20.12 -4.17 25.60
CA LYS C 33 -20.71 -2.85 25.42
C LYS C 33 -20.82 -2.49 23.94
N GLU C 34 -21.84 -1.70 23.61
CA GLU C 34 -22.08 -1.28 22.22
C GLU C 34 -21.00 -0.38 21.70
N GLU C 35 -20.33 0.34 22.61
CA GLU C 35 -19.20 1.18 22.21
C GLU C 35 -18.02 0.31 21.72
N PHE C 36 -17.78 -0.82 22.38
CA PHE C 36 -16.72 -1.75 21.95
C PHE C 36 -17.03 -2.31 20.56
N VAL C 37 -18.27 -2.74 20.38
CA VAL C 37 -18.76 -3.14 19.07
C VAL C 37 -18.55 -2.05 18.01
N ASP C 38 -18.98 -0.84 18.37
CA ASP C 38 -18.82 0.27 17.47
C ASP C 38 -17.36 0.47 17.12
N ARG C 39 -16.51 0.57 18.14
CA ARG C 39 -15.05 0.59 17.96
C ARG C 39 -14.59 -0.45 16.96
N GLY C 40 -15.05 -1.69 17.16
CA GLY C 40 -14.60 -2.81 16.36
C GLY C 40 -14.84 -2.51 14.90
N ILE C 41 -16.08 -2.14 14.58
CA ILE C 41 -16.50 -1.91 13.21
C ILE C 41 -15.73 -0.72 12.64
N ALA C 42 -15.49 0.27 13.49
CA ALA C 42 -14.64 1.42 13.13
C ALA C 42 -13.27 0.96 12.65
N THR C 43 -12.62 0.09 13.44
CA THR C 43 -11.27 -0.42 13.09
C THR C 43 -11.23 -1.09 11.69
N ILE C 44 -12.17 -2.01 11.48
CA ILE C 44 -12.31 -2.73 10.22
C ILE C 44 -12.61 -1.74 9.11
N THR C 45 -13.46 -0.78 9.41
CA THR C 45 -13.81 0.24 8.44
C THR C 45 -12.57 1.00 7.97
N LYS C 46 -11.72 1.45 8.91
CA LYS C 46 -10.49 2.16 8.48
C LYS C 46 -9.54 1.19 7.80
N SER C 47 -9.50 -0.03 8.30
CA SER C 47 -8.63 -1.07 7.75
C SER C 47 -8.88 -1.29 6.26
N LEU C 48 -10.14 -1.29 5.86
CA LEU C 48 -10.52 -1.48 4.44
C LEU C 48 -10.41 -0.19 3.60
N SER C 49 -10.45 0.99 4.25
CA SER C 49 -10.15 2.25 3.56
C SER C 49 -8.71 2.24 3.04
N LYS C 50 -7.78 1.69 3.84
CA LYS C 50 -6.36 1.66 3.48
C LYS C 50 -6.05 0.62 2.40
N LEU C 51 -6.84 -0.44 2.34
CA LEU C 51 -6.71 -1.38 1.22
C LEU C 51 -7.31 -0.73 -0.03
N VAL C 52 -8.37 0.05 0.16
CA VAL C 52 -8.94 0.85 -0.93
C VAL C 52 -7.92 1.88 -1.33
N ALA C 53 -7.43 2.60 -0.34
CA ALA C 53 -6.40 3.61 -0.54
C ALA C 53 -5.22 3.13 -1.37
N LYS C 54 -4.96 1.81 -1.38
CA LYS C 54 -3.82 1.28 -2.11
C LYS C 54 -4.26 0.57 -3.42
N GLU C 55 -5.50 0.82 -3.85
CA GLU C 55 -6.08 0.18 -5.03
C GLU C 55 -6.01 -1.34 -4.96
N LYS C 56 -6.16 -1.89 -3.76
CA LYS C 56 -6.21 -3.36 -3.56
C LYS C 56 -7.65 -3.87 -3.60
N ILE C 57 -8.57 -3.08 -3.05
CA ILE C 57 -10.00 -3.29 -3.29
C ILE C 57 -10.62 -1.99 -3.78
N THR C 58 -11.82 -2.09 -4.38
CA THR C 58 -12.57 -0.92 -4.81
C THR C 58 -13.37 -0.40 -3.63
N GLU C 59 -13.91 0.79 -3.77
CA GLU C 59 -14.88 1.26 -2.81
C GLU C 59 -15.99 0.22 -2.76
N ALA C 60 -16.57 -0.15 -3.90
CA ALA C 60 -17.63 -1.18 -3.95
C ALA C 60 -17.29 -2.47 -3.14
N ASP C 61 -16.02 -2.87 -3.18
CA ASP C 61 -15.54 -4.03 -2.44
C ASP C 61 -15.68 -3.82 -0.97
N LYS C 62 -15.07 -2.76 -0.49
CA LYS C 62 -15.23 -2.39 0.87
C LYS C 62 -16.72 -2.61 1.25
N GLU C 63 -17.62 -2.02 0.48
CA GLU C 63 -19.03 -1.95 0.88
C GLU C 63 -19.62 -3.31 1.15
N GLU C 64 -19.51 -4.22 0.19
CA GLU C 64 -20.17 -5.53 0.32
C GLU C 64 -19.54 -6.36 1.44
N ILE C 65 -18.30 -6.06 1.80
CA ILE C 65 -17.63 -6.69 2.94
C ILE C 65 -18.26 -6.16 4.23
N LEU C 66 -18.44 -4.84 4.31
CA LEU C 66 -19.08 -4.26 5.49
C LEU C 66 -20.56 -4.70 5.60
N SER C 67 -21.21 -4.87 4.46
CA SER C 67 -22.60 -5.35 4.44
C SER C 67 -22.71 -6.85 4.80
N ARG C 68 -21.61 -7.60 4.71
CA ARG C 68 -21.61 -8.96 5.25
C ARG C 68 -21.48 -8.98 6.80
N ILE C 69 -20.97 -7.89 7.38
CA ILE C 69 -20.76 -7.82 8.83
C ILE C 69 -21.88 -7.12 9.58
N SER C 70 -22.27 -7.68 10.72
CA SER C 70 -23.17 -7.03 11.67
C SER C 70 -22.63 -7.15 13.11
N GLY C 71 -23.08 -6.26 14.01
CA GLY C 71 -22.71 -6.24 15.43
C GLY C 71 -23.86 -6.41 16.41
N THR C 72 -23.55 -6.78 17.64
CA THR C 72 -24.55 -7.10 18.64
C THR C 72 -23.89 -7.20 19.99
N THR C 73 -24.67 -7.12 21.05
CA THR C 73 -24.14 -7.37 22.39
C THR C 73 -24.89 -8.53 23.00
N ASP C 74 -25.63 -9.29 22.18
CA ASP C 74 -26.46 -10.42 22.64
C ASP C 74 -26.00 -11.76 22.06
N MET C 75 -25.47 -12.61 22.94
CA MET C 75 -25.01 -13.95 22.59
C MET C 75 -25.96 -14.78 21.75
N LYS C 76 -27.26 -14.59 21.98
CA LYS C 76 -28.28 -15.43 21.36
C LYS C 76 -28.20 -15.33 19.83
N LEU C 77 -27.62 -14.23 19.35
CA LEU C 77 -27.36 -14.02 17.93
C LEU C 77 -26.51 -15.08 17.23
N ALA C 78 -25.96 -16.02 18.00
CA ALA C 78 -25.05 -17.05 17.47
C ALA C 78 -25.82 -18.25 16.97
N ALA C 79 -27.12 -18.26 17.29
CA ALA C 79 -27.97 -19.42 17.22
C ALA C 79 -27.81 -20.20 15.94
N ASP C 80 -27.73 -19.48 14.84
CA ASP C 80 -27.73 -20.09 13.51
C ASP C 80 -26.35 -20.01 12.81
N CYS C 81 -25.32 -19.54 13.51
CA CYS C 81 -23.98 -19.52 12.91
C CYS C 81 -23.34 -20.93 12.74
N ASP C 82 -22.60 -21.07 11.65
CA ASP C 82 -21.92 -22.32 11.36
C ASP C 82 -20.62 -22.46 12.16
N LEU C 83 -20.06 -21.34 12.60
CA LEU C 83 -18.80 -21.35 13.31
C LEU C 83 -18.71 -20.20 14.31
N VAL C 84 -18.28 -20.50 15.51
CA VAL C 84 -18.00 -19.47 16.46
C VAL C 84 -16.52 -19.43 16.65
N VAL C 85 -15.96 -18.24 16.65
CA VAL C 85 -14.58 -18.06 17.00
C VAL C 85 -14.57 -17.13 18.20
N GLU C 86 -14.20 -17.65 19.37
CA GLU C 86 -14.20 -16.85 20.55
C GLU C 86 -12.84 -16.20 20.77
N ALA C 87 -12.82 -14.86 20.79
CA ALA C 87 -11.61 -14.08 20.97
C ALA C 87 -11.81 -12.98 22.02
N ALA C 88 -12.24 -13.40 23.20
CA ALA C 88 -12.55 -12.50 24.30
C ALA C 88 -11.35 -12.45 25.22
N ILE C 89 -11.50 -11.88 26.41
CA ILE C 89 -10.38 -11.79 27.34
C ILE C 89 -9.86 -13.17 27.69
N GLU C 90 -8.57 -13.21 28.01
CA GLU C 90 -7.92 -14.45 28.29
C GLU C 90 -8.20 -14.92 29.73
N ASN C 91 -9.42 -15.35 30.04
CA ASN C 91 -9.75 -15.86 31.39
C ASN C 91 -10.53 -17.19 31.36
N MET C 92 -10.12 -18.17 32.17
CA MET C 92 -10.62 -19.51 31.99
C MET C 92 -12.07 -19.52 32.33
N LYS C 93 -12.36 -19.10 33.56
CA LYS C 93 -13.74 -19.07 34.07
C LYS C 93 -14.66 -18.41 33.06
N ILE C 94 -14.24 -17.28 32.54
CA ILE C 94 -15.05 -16.59 31.57
C ILE C 94 -15.20 -17.35 30.26
N LYS C 95 -14.13 -17.89 29.68
CA LYS C 95 -14.29 -18.69 28.46
C LYS C 95 -15.12 -19.94 28.74
N LYS C 96 -14.98 -20.54 29.91
CA LYS C 96 -15.81 -21.72 30.24
C LYS C 96 -17.29 -21.32 30.26
N GLU C 97 -17.55 -20.11 30.78
CA GLU C 97 -18.90 -19.61 30.84
C GLU C 97 -19.41 -19.34 29.42
N ILE C 98 -18.62 -18.62 28.65
CA ILE C 98 -18.94 -18.39 27.24
C ILE C 98 -19.32 -19.69 26.52
N PHE C 99 -18.50 -20.72 26.68
CA PHE C 99 -18.75 -21.94 25.93
C PHE C 99 -19.95 -22.70 26.44
N ALA C 100 -20.22 -22.61 27.74
CA ALA C 100 -21.40 -23.30 28.27
C ALA C 100 -22.65 -22.72 27.62
N GLU C 101 -22.63 -21.41 27.42
CA GLU C 101 -23.76 -20.67 26.91
C GLU C 101 -23.93 -20.90 25.40
N LEU C 102 -22.84 -20.73 24.62
CA LEU C 102 -22.88 -21.05 23.18
C LEU C 102 -23.34 -22.49 22.94
N ASP C 103 -22.91 -23.41 23.82
CA ASP C 103 -23.40 -24.79 23.78
C ASP C 103 -24.90 -24.86 23.93
N GLY C 104 -25.50 -23.94 24.69
CA GLY C 104 -26.95 -23.85 24.87
C GLY C 104 -27.61 -23.24 23.66
N ILE C 105 -26.95 -22.28 23.02
CA ILE C 105 -27.54 -21.45 21.98
C ILE C 105 -27.47 -22.00 20.56
N CYS C 106 -26.32 -22.56 20.20
CA CYS C 106 -26.00 -22.80 18.80
C CYS C 106 -26.62 -24.10 18.34
N LYS C 107 -26.93 -24.19 17.07
CA LYS C 107 -27.52 -25.42 16.57
C LYS C 107 -26.48 -26.51 16.81
N PRO C 108 -26.91 -27.78 16.75
CA PRO C 108 -26.00 -28.88 17.03
C PRO C 108 -24.78 -28.99 16.10
N GLU C 109 -24.90 -28.50 14.87
CA GLU C 109 -23.83 -28.59 13.90
C GLU C 109 -22.68 -27.60 14.18
N THR C 110 -23.01 -26.43 14.73
CA THR C 110 -22.04 -25.35 15.01
C THR C 110 -20.74 -25.86 15.70
N ILE C 111 -19.61 -25.48 15.13
CA ILE C 111 -18.31 -25.77 15.72
C ILE C 111 -17.95 -24.57 16.55
N LEU C 112 -17.42 -24.83 17.76
CA LEU C 112 -17.04 -23.76 18.69
C LEU C 112 -15.54 -23.71 18.85
N ALA C 113 -14.92 -22.60 18.44
CA ALA C 113 -13.48 -22.44 18.45
C ALA C 113 -13.02 -21.28 19.30
N SER C 114 -11.89 -21.49 19.98
CA SER C 114 -11.24 -20.44 20.74
C SER C 114 -9.93 -19.98 20.07
N ASN C 115 -9.74 -18.66 20.02
CA ASN C 115 -8.49 -18.00 19.65
C ASN C 115 -7.45 -17.88 20.79
N THR C 116 -7.69 -18.50 21.92
CA THR C 116 -6.76 -18.38 23.05
C THR C 116 -5.31 -18.79 22.68
N SER C 117 -4.36 -17.98 23.14
CA SER C 117 -2.92 -18.36 23.13
C SER C 117 -2.51 -19.25 24.33
N SER C 118 -3.05 -18.99 25.51
CA SER C 118 -2.55 -19.68 26.71
C SER C 118 -3.45 -20.74 27.38
N LEU C 119 -4.73 -20.73 27.11
CA LEU C 119 -5.63 -21.61 27.85
C LEU C 119 -5.89 -22.96 27.16
N SER C 120 -6.28 -23.93 27.96
CA SER C 120 -6.50 -25.29 27.48
C SER C 120 -7.82 -25.38 26.80
N ILE C 121 -7.80 -25.83 25.55
CA ILE C 121 -9.00 -25.97 24.78
C ILE C 121 -9.80 -27.10 25.42
N THR C 122 -9.12 -28.18 25.76
CA THR C 122 -9.72 -29.32 26.41
C THR C 122 -10.52 -28.88 27.62
N GLU C 123 -9.95 -28.01 28.45
CA GLU C 123 -10.63 -27.61 29.69
C GLU C 123 -11.90 -26.83 29.33
N VAL C 124 -11.77 -25.94 28.36
CA VAL C 124 -12.86 -25.21 27.79
C VAL C 124 -13.98 -26.15 27.29
N ALA C 125 -13.59 -27.11 26.44
CA ALA C 125 -14.48 -28.11 25.88
C ALA C 125 -15.25 -28.85 26.95
N SER C 126 -14.61 -29.04 28.09
CA SER C 126 -15.25 -29.68 29.22
C SER C 126 -16.41 -28.89 29.78
N ALA C 127 -16.54 -27.58 29.46
CA ALA C 127 -17.75 -26.82 29.84
C ALA C 127 -19.02 -27.24 29.09
N THR C 128 -18.86 -27.89 27.96
CA THR C 128 -19.93 -28.08 27.02
C THR C 128 -20.38 -29.52 27.01
N LYS C 129 -21.45 -29.85 26.30
CA LYS C 129 -21.76 -31.26 26.01
C LYS C 129 -21.32 -31.61 24.60
N ARG C 130 -20.42 -30.81 24.06
CA ARG C 130 -20.16 -30.79 22.63
C ARG C 130 -18.64 -30.82 22.38
N ALA C 131 -17.92 -31.53 23.24
CA ALA C 131 -16.44 -31.54 23.22
C ALA C 131 -15.85 -31.86 21.85
N ASP C 132 -16.54 -32.73 21.11
CA ASP C 132 -16.04 -33.22 19.85
C ASP C 132 -16.01 -32.14 18.76
N LYS C 133 -16.76 -31.07 19.00
CA LYS C 133 -16.88 -29.92 18.09
C LYS C 133 -16.28 -28.63 18.66
N VAL C 134 -15.48 -28.77 19.70
CA VAL C 134 -14.70 -27.66 20.27
C VAL C 134 -13.23 -27.77 19.84
N ILE C 135 -12.62 -26.63 19.58
CA ILE C 135 -11.33 -26.62 18.94
C ILE C 135 -10.69 -25.24 19.08
N GLY C 136 -9.37 -25.14 18.92
CA GLY C 136 -8.69 -23.84 18.88
C GLY C 136 -8.47 -23.46 17.44
N MET C 137 -8.59 -22.18 17.16
CA MET C 137 -8.30 -21.66 15.85
C MET C 137 -7.47 -20.42 16.17
N HIS C 138 -6.17 -20.65 16.32
CA HIS C 138 -5.28 -19.63 16.88
C HIS C 138 -4.76 -18.83 15.71
N PHE C 139 -5.25 -17.60 15.58
CA PHE C 139 -4.81 -16.69 14.53
C PHE C 139 -3.64 -15.84 14.98
N PHE C 140 -3.09 -15.11 14.00
CA PHE C 140 -1.94 -14.24 14.20
C PHE C 140 -2.16 -12.80 13.78
N ASN C 141 -1.66 -11.87 14.57
CA ASN C 141 -1.87 -10.46 14.35
C ASN C 141 -0.94 -9.89 13.27
N PRO C 142 -1.45 -9.08 12.32
CA PRO C 142 -2.84 -8.73 12.04
C PRO C 142 -3.52 -9.90 11.33
N ALA C 143 -4.62 -10.39 11.91
CA ALA C 143 -5.33 -11.55 11.37
C ALA C 143 -5.78 -11.40 9.90
N PRO C 144 -6.13 -10.18 9.45
CA PRO C 144 -6.42 -10.02 8.01
C PRO C 144 -5.30 -10.46 7.06
N VAL C 145 -4.05 -10.46 7.51
CA VAL C 145 -2.91 -10.57 6.62
C VAL C 145 -2.06 -11.81 6.94
N MET C 146 -1.85 -12.11 8.22
CA MET C 146 -1.09 -13.32 8.59
C MET C 146 -1.80 -14.55 8.10
N LYS C 147 -1.10 -15.36 7.31
CA LYS C 147 -1.69 -16.49 6.60
C LYS C 147 -1.90 -17.75 7.46
N LEU C 148 -1.33 -17.78 8.66
CA LEU C 148 -1.32 -18.99 9.48
C LEU C 148 -2.44 -19.00 10.53
N VAL C 149 -3.10 -20.13 10.65
CA VAL C 149 -3.80 -20.41 11.91
C VAL C 149 -3.34 -21.74 12.41
N GLU C 150 -3.02 -21.81 13.70
CA GLU C 150 -2.71 -23.08 14.32
C GLU C 150 -4.06 -23.72 14.69
N VAL C 151 -4.31 -24.94 14.28
CA VAL C 151 -5.56 -25.55 14.57
C VAL C 151 -5.32 -26.51 15.71
N ILE C 152 -5.86 -26.17 16.86
CA ILE C 152 -5.55 -26.88 18.10
C ILE C 152 -6.62 -27.90 18.44
N ARG C 153 -6.27 -29.15 18.30
CA ARG C 153 -7.16 -30.19 18.73
C ARG C 153 -7.01 -30.40 20.22
N GLY C 154 -8.14 -30.48 20.91
CA GLY C 154 -8.16 -30.85 22.32
C GLY C 154 -8.29 -32.36 22.33
N ALA C 155 -8.29 -32.93 23.52
CA ALA C 155 -8.26 -34.36 23.64
C ALA C 155 -9.45 -35.00 22.96
N ALA C 156 -10.61 -34.33 23.00
CA ALA C 156 -11.82 -34.93 22.44
C ALA C 156 -12.21 -34.36 21.09
N THR C 157 -11.49 -33.37 20.56
CA THR C 157 -11.87 -32.79 19.29
C THR C 157 -11.87 -33.90 18.25
N SER C 158 -12.95 -33.99 17.46
CA SER C 158 -13.10 -35.09 16.46
C SER C 158 -12.32 -34.80 15.19
N GLN C 159 -12.06 -35.86 14.42
CA GLN C 159 -11.39 -35.77 13.13
C GLN C 159 -12.30 -34.97 12.24
N GLU C 160 -13.58 -35.29 12.32
CA GLU C 160 -14.54 -34.56 11.58
C GLU C 160 -14.35 -33.04 11.77
N THR C 161 -14.46 -32.58 13.02
CA THR C 161 -14.29 -31.18 13.36
C THR C 161 -12.96 -30.61 12.91
N PHE C 162 -11.88 -31.39 13.04
CA PHE C 162 -10.58 -30.91 12.59
C PHE C 162 -10.64 -30.57 11.09
N ASP C 163 -11.03 -31.55 10.30
CA ASP C 163 -11.25 -31.44 8.87
C ASP C 163 -12.11 -30.24 8.49
N ALA C 164 -13.22 -30.07 9.19
CA ALA C 164 -14.10 -28.96 8.88
C ALA C 164 -13.32 -27.66 8.97
N VAL C 165 -12.56 -27.57 10.04
CA VAL C 165 -11.89 -26.33 10.36
C VAL C 165 -10.67 -26.13 9.42
N LYS C 166 -10.03 -27.22 9.04
CA LYS C 166 -8.94 -27.17 8.08
C LYS C 166 -9.43 -26.60 6.75
N GLU C 167 -10.50 -27.20 6.25
CA GLU C 167 -11.13 -26.74 5.00
C GLU C 167 -11.64 -25.29 5.09
N MET C 168 -12.15 -24.88 6.24
CA MET C 168 -12.54 -23.50 6.41
C MET C 168 -11.34 -22.57 6.38
N SER C 169 -10.31 -22.94 7.15
CA SER C 169 -9.14 -22.12 7.19
C SER C 169 -8.69 -21.88 5.76
N GLU C 170 -8.61 -22.95 4.99
CA GLU C 170 -8.16 -22.83 3.59
C GLU C 170 -9.13 -21.99 2.83
N SER C 171 -10.42 -22.17 3.07
CA SER C 171 -11.41 -21.42 2.28
C SER C 171 -11.22 -19.91 2.44
N ILE C 172 -10.66 -19.44 3.55
CA ILE C 172 -10.39 -18.01 3.68
C ILE C 172 -8.94 -17.63 3.41
N GLY C 173 -8.23 -18.50 2.70
CA GLY C 173 -6.86 -18.21 2.26
C GLY C 173 -5.84 -18.33 3.39
N LYS C 174 -6.13 -19.18 4.35
CA LYS C 174 -5.23 -19.39 5.46
C LYS C 174 -4.62 -20.76 5.27
N THR C 175 -3.56 -20.99 6.05
CA THR C 175 -2.77 -22.20 6.00
C THR C 175 -2.93 -22.75 7.41
N PRO C 176 -3.76 -23.76 7.56
CA PRO C 176 -3.90 -24.40 8.88
C PRO C 176 -2.81 -25.41 9.12
N VAL C 177 -2.29 -25.45 10.36
CA VAL C 177 -1.47 -26.59 10.77
C VAL C 177 -2.14 -27.31 11.94
N GLU C 178 -2.11 -28.64 11.90
CA GLU C 178 -2.59 -29.48 12.93
C GLU C 178 -1.63 -29.49 14.10
N VAL C 179 -2.18 -29.18 15.27
CA VAL C 179 -1.49 -29.24 16.55
C VAL C 179 -2.30 -30.06 17.52
N ALA C 180 -1.63 -30.98 18.21
CA ALA C 180 -2.22 -31.64 19.38
C ALA C 180 -1.94 -30.78 20.61
N GLU C 181 -2.97 -30.42 21.36
CA GLU C 181 -2.84 -29.42 22.38
C GLU C 181 -1.73 -29.71 23.38
N ALA C 182 -0.92 -28.70 23.59
CA ALA C 182 0.12 -28.67 24.59
C ALA C 182 0.39 -27.19 24.73
N PRO C 183 1.06 -26.80 25.79
CA PRO C 183 1.26 -25.38 26.08
C PRO C 183 2.09 -24.69 25.02
N GLY C 184 1.61 -23.55 24.57
CA GLY C 184 2.32 -22.73 23.61
C GLY C 184 2.16 -23.19 22.18
N PHE C 185 1.48 -24.30 22.00
CA PHE C 185 1.28 -24.82 20.66
C PHE C 185 2.64 -24.97 19.97
N VAL C 186 2.79 -24.41 18.78
CA VAL C 186 4.10 -24.43 18.14
C VAL C 186 4.82 -23.09 18.20
N VAL C 187 4.17 -22.05 17.71
CA VAL C 187 4.83 -20.79 17.49
C VAL C 187 5.24 -20.06 18.74
N ASN C 188 4.34 -19.99 19.72
CA ASN C 188 4.67 -19.22 20.91
C ASN C 188 5.63 -20.01 21.77
N ARG C 189 5.50 -21.33 21.72
CA ARG C 189 6.43 -22.20 22.45
C ARG C 189 7.88 -22.01 22.05
N ILE C 190 8.13 -21.72 20.78
CA ILE C 190 9.48 -21.37 20.31
C ILE C 190 9.74 -19.86 20.34
N LEU C 191 8.76 -19.05 19.94
CA LEU C 191 9.02 -17.61 19.83
C LEU C 191 9.23 -16.92 21.16
N ILE C 192 8.42 -17.24 22.18
CA ILE C 192 8.47 -16.42 23.38
C ILE C 192 9.72 -16.70 24.22
N PRO C 193 10.06 -17.99 24.42
CA PRO C 193 11.30 -18.24 25.15
C PRO C 193 12.56 -17.65 24.46
N MET C 194 12.53 -17.51 23.13
CA MET C 194 13.55 -16.74 22.40
C MET C 194 13.63 -15.26 22.77
N ILE C 195 12.46 -14.62 22.83
CA ILE C 195 12.38 -13.28 23.43
C ILE C 195 12.93 -13.24 24.86
N ASN C 196 12.53 -14.20 25.70
CA ASN C 196 12.98 -14.34 27.11
C ASN C 196 14.46 -14.58 27.19
N GLU C 197 15.00 -15.38 26.27
CA GLU C 197 16.45 -15.60 26.25
C GLU C 197 17.20 -14.31 26.01
N ALA C 198 16.72 -13.53 25.06
CA ALA C 198 17.25 -12.21 24.84
C ALA C 198 17.26 -11.37 26.12
N THR C 199 16.20 -11.41 26.91
CA THR C 199 16.18 -10.60 28.17
C THR C 199 17.23 -11.09 29.13
N PHE C 200 17.48 -12.40 29.12
CA PHE C 200 18.53 -13.01 29.97
C PHE C 200 19.89 -12.49 29.50
N ILE C 201 20.10 -12.48 28.19
CA ILE C 201 21.35 -11.95 27.68
C ILE C 201 21.56 -10.54 28.19
N LEU C 202 20.49 -9.74 28.16
CA LEU C 202 20.59 -8.34 28.56
C LEU C 202 20.82 -8.24 30.04
N GLN C 203 20.07 -9.04 30.79
CA GLN C 203 20.18 -9.05 32.25
C GLN C 203 21.58 -9.43 32.76
N GLU C 204 22.24 -10.28 31.99
CA GLU C 204 23.56 -10.80 32.39
C GLU C 204 24.72 -9.94 31.85
N GLY C 205 24.39 -8.84 31.20
CA GLY C 205 25.41 -7.89 30.77
C GLY C 205 26.21 -8.38 29.62
N VAL C 206 25.68 -9.35 28.90
CA VAL C 206 26.42 -9.93 27.81
C VAL C 206 26.49 -8.91 26.68
N ALA C 207 25.34 -8.33 26.35
CA ALA C 207 25.29 -7.38 25.26
C ALA C 207 24.19 -6.37 25.53
N LYS C 208 24.20 -5.26 24.79
CA LYS C 208 23.18 -4.23 24.91
C LYS C 208 22.00 -4.40 23.90
N GLU C 209 20.90 -3.67 24.16
CA GLU C 209 19.64 -3.91 23.42
C GLU C 209 19.81 -3.87 21.89
N GLU C 210 20.43 -2.81 21.36
CA GLU C 210 20.41 -2.63 19.89
C GLU C 210 21.14 -3.77 19.23
N ASP C 211 22.27 -4.12 19.84
CA ASP C 211 23.10 -5.16 19.34
C ASP C 211 22.44 -6.51 19.42
N ILE C 212 21.76 -6.80 20.53
CA ILE C 212 21.03 -8.05 20.66
C ILE C 212 20.15 -8.20 19.43
N ASP C 213 19.52 -7.12 19.03
CA ASP C 213 18.59 -7.19 17.93
C ASP C 213 19.23 -7.22 16.56
N ALA C 214 20.15 -6.28 16.35
CA ALA C 214 21.01 -6.30 15.14
C ALA C 214 21.57 -7.72 14.93
N ALA C 215 22.07 -8.28 16.03
CA ALA C 215 22.61 -9.62 16.03
C ALA C 215 21.67 -10.57 15.39
N MET C 216 20.45 -10.67 15.91
CA MET C 216 19.47 -11.59 15.33
C MET C 216 19.00 -11.21 13.89
N LYS C 217 18.83 -9.93 13.60
CA LYS C 217 18.47 -9.57 12.22
C LYS C 217 19.56 -10.01 11.28
N LEU C 218 20.80 -9.77 11.67
CA LEU C 218 21.91 -9.89 10.71
C LEU C 218 22.62 -11.21 10.68
N GLY C 219 22.69 -11.83 11.85
CA GLY C 219 23.28 -13.13 12.07
C GLY C 219 22.32 -14.27 11.79
N ALA C 220 21.04 -13.95 11.81
CA ALA C 220 20.04 -14.98 11.62
C ALA C 220 18.93 -14.64 10.63
N ASN C 221 18.94 -13.44 10.03
CA ASN C 221 17.91 -13.01 9.02
C ASN C 221 16.48 -13.08 9.52
N HIS C 222 16.33 -12.75 10.79
CA HIS C 222 15.01 -12.57 11.36
C HIS C 222 14.53 -11.17 10.97
N PRO C 223 13.22 -11.02 10.71
CA PRO C 223 12.72 -9.78 10.17
C PRO C 223 12.74 -8.64 11.19
N MET C 224 13.00 -8.96 12.45
CA MET C 224 13.11 -7.95 13.51
C MET C 224 13.75 -8.57 14.77
N GLY C 225 14.46 -7.79 15.56
CA GLY C 225 15.05 -8.32 16.81
C GLY C 225 14.03 -8.79 17.86
N PRO C 226 14.44 -9.69 18.78
CA PRO C 226 13.56 -10.15 19.80
C PRO C 226 13.12 -9.08 20.81
N LEU C 227 13.95 -8.12 21.14
CA LEU C 227 13.49 -7.08 22.06
C LEU C 227 12.44 -6.14 21.39
N ALA C 228 12.63 -5.78 20.12
CA ALA C 228 11.66 -4.99 19.40
C ALA C 228 10.42 -5.79 19.18
N LEU C 229 10.61 -7.09 19.12
CA LEU C 229 9.55 -8.02 18.90
C LEU C 229 8.77 -8.12 20.18
N GLY C 230 9.45 -8.16 21.32
CA GLY C 230 8.74 -8.19 22.59
C GLY C 230 7.88 -6.94 22.76
N ASP C 231 8.51 -5.79 22.57
CA ASP C 231 7.84 -4.50 22.61
C ASP C 231 6.57 -4.45 21.73
N LEU C 232 6.59 -5.16 20.61
CA LEU C 232 5.47 -5.13 19.66
C LEU C 232 4.33 -5.97 20.18
N ILE C 233 4.68 -7.06 20.85
CA ILE C 233 3.75 -8.10 21.22
C ILE C 233 3.10 -7.71 22.53
N GLY C 234 3.88 -7.04 23.37
CA GLY C 234 3.48 -6.81 24.74
C GLY C 234 4.32 -7.65 25.68
N LEU C 235 5.20 -6.98 26.43
CA LEU C 235 6.05 -7.66 27.41
C LEU C 235 5.16 -8.42 28.39
N ASP C 236 4.09 -7.77 28.84
CA ASP C 236 3.04 -8.42 29.65
C ASP C 236 2.53 -9.73 29.06
N VAL C 237 2.35 -9.75 27.74
CA VAL C 237 1.90 -10.95 27.04
C VAL C 237 3.03 -11.97 27.07
N CYS C 238 4.24 -11.51 26.80
CA CYS C 238 5.41 -12.37 26.84
C CYS C 238 5.55 -13.04 28.21
N LEU C 239 5.45 -12.27 29.27
CA LEU C 239 5.52 -12.82 30.63
C LEU C 239 4.41 -13.79 30.96
N ALA C 240 3.18 -13.46 30.58
CA ALA C 240 2.07 -14.36 30.91
C ALA C 240 2.33 -15.69 30.23
N ILE C 241 2.70 -15.62 28.97
CA ILE C 241 3.01 -16.85 28.24
C ILE C 241 4.15 -17.67 28.87
N MET C 242 5.28 -17.03 29.16
CA MET C 242 6.39 -17.72 29.87
C MET C 242 5.87 -18.34 31.17
N ASP C 243 5.12 -17.56 31.92
CA ASP C 243 4.54 -18.13 33.14
C ASP C 243 3.60 -19.28 32.87
N VAL C 244 2.79 -19.21 31.81
CA VAL C 244 1.96 -20.36 31.48
C VAL C 244 2.86 -21.55 31.15
N LEU C 245 3.92 -21.33 30.38
CA LEU C 245 4.79 -22.45 30.02
C LEU C 245 5.40 -23.08 31.25
N TYR C 246 5.81 -22.25 32.19
CA TYR C 246 6.48 -22.75 33.38
C TYR C 246 5.52 -23.50 34.32
N ASN C 247 4.29 -23.03 34.40
CA ASN C 247 3.33 -23.60 35.37
C ASN C 247 2.67 -24.80 34.80
N GLU C 248 2.51 -24.83 33.48
CA GLU C 248 1.92 -26.03 32.83
C GLU C 248 2.86 -27.23 32.88
N THR C 249 4.17 -26.99 32.63
CA THR C 249 5.20 -28.05 32.53
C THR C 249 5.95 -28.27 33.83
N GLY C 250 5.98 -27.27 34.69
CA GLY C 250 6.85 -27.37 35.89
C GLY C 250 8.33 -27.36 35.51
N ASP C 251 8.65 -26.94 34.30
CA ASP C 251 9.98 -27.05 33.79
C ASP C 251 10.69 -25.72 33.83
N THR C 252 11.79 -25.73 34.54
CA THR C 252 12.54 -24.53 34.90
C THR C 252 13.15 -23.88 33.64
N LYS C 253 13.29 -24.66 32.58
CA LYS C 253 13.52 -24.17 31.24
C LYS C 253 12.67 -22.94 30.83
N TYR C 254 11.46 -22.80 31.35
CA TYR C 254 10.57 -21.74 30.93
C TYR C 254 10.46 -20.63 31.93
N ARG C 255 11.40 -20.56 32.85
CA ARG C 255 11.30 -19.54 33.87
C ARG C 255 11.59 -18.22 33.22
N ALA C 256 10.90 -17.18 33.71
CA ALA C 256 11.06 -15.88 33.13
C ALA C 256 12.20 -15.25 33.82
N SER C 257 12.85 -14.32 33.16
CA SER C 257 13.88 -13.56 33.80
C SER C 257 13.26 -12.50 34.70
N SER C 258 13.91 -12.24 35.84
CA SER C 258 13.58 -11.11 36.71
C SER C 258 13.48 -9.81 35.94
N LEU C 259 14.43 -9.51 35.06
CA LEU C 259 14.40 -8.30 34.23
C LEU C 259 13.01 -8.09 33.57
N LEU C 260 12.44 -9.15 32.99
CA LEU C 260 11.14 -9.07 32.34
C LEU C 260 10.02 -8.84 33.34
N ARG C 261 10.01 -9.59 34.44
CA ARG C 261 8.99 -9.30 35.45
C ARG C 261 9.01 -7.83 35.87
N LYS C 262 10.22 -7.29 35.98
CA LYS C 262 10.37 -5.98 36.54
C LYS C 262 9.85 -4.93 35.59
N TYR C 263 10.03 -5.16 34.30
CA TYR C 263 9.59 -4.24 33.29
C TYR C 263 8.04 -4.27 33.25
N VAL C 264 7.49 -5.46 33.30
CA VAL C 264 6.06 -5.57 33.27
C VAL C 264 5.45 -4.90 34.48
N ARG C 265 6.13 -4.95 35.60
CA ARG C 265 5.58 -4.34 36.81
C ARG C 265 5.58 -2.81 36.75
N ALA C 266 6.51 -2.25 35.99
CA ALA C 266 6.64 -0.81 35.83
C ALA C 266 5.69 -0.27 34.76
N GLY C 267 4.87 -1.11 34.13
CA GLY C 267 4.05 -0.68 32.99
C GLY C 267 4.86 -0.35 31.75
N TRP C 268 6.06 -0.91 31.62
CA TRP C 268 6.88 -0.69 30.45
C TRP C 268 6.56 -1.83 29.52
N LEU C 269 5.39 -1.78 28.91
CA LEU C 269 4.88 -2.95 28.25
C LEU C 269 5.24 -3.09 26.78
N GLY C 270 5.84 -2.06 26.21
CA GLY C 270 6.13 -2.08 24.77
C GLY C 270 5.61 -0.85 24.06
N ARG C 271 5.34 -1.02 22.77
CA ARG C 271 4.72 0.00 21.98
C ARG C 271 3.48 0.51 22.67
N LYS C 272 2.61 -0.42 23.11
CA LYS C 272 1.35 -0.06 23.77
C LYS C 272 1.47 1.17 24.63
N THR C 273 2.45 1.18 25.50
CA THR C 273 2.58 2.20 26.50
C THR C 273 3.70 3.15 26.15
N GLY C 274 4.19 3.10 24.92
CA GLY C 274 5.26 3.99 24.48
C GLY C 274 6.59 3.76 25.18
N LYS C 275 6.71 2.60 25.82
CA LYS C 275 7.99 2.18 26.42
C LYS C 275 7.97 0.72 26.75
N GLY C 276 9.05 0.05 26.33
CA GLY C 276 9.39 -1.32 26.74
C GLY C 276 10.90 -1.40 26.78
N PHE C 277 11.49 -2.32 26.04
CA PHE C 277 12.96 -2.29 25.92
C PHE C 277 13.48 -1.04 25.23
N TYR C 278 12.62 -0.40 24.44
CA TYR C 278 12.96 0.88 23.81
C TYR C 278 11.92 1.92 24.19
N ASP C 279 12.34 3.19 24.15
CA ASP C 279 11.39 4.30 24.22
C ASP C 279 10.70 4.43 22.90
N TYR C 280 9.44 4.86 22.90
CA TYR C 280 8.76 5.11 21.63
C TYR C 280 8.22 6.53 21.58
N SER C 281 8.31 7.15 20.41
CA SER C 281 7.63 8.42 20.14
C SER C 281 6.62 8.05 19.04
N LYS C 282 5.40 7.73 19.48
CA LYS C 282 4.32 7.31 18.57
C LYS C 282 4.02 8.43 17.59
N MET D 1 43.97 -1.61 9.23
CA MET D 1 44.49 -2.96 8.88
C MET D 1 44.33 -3.25 7.37
N LYS D 2 45.34 -2.92 6.59
CA LYS D 2 45.36 -3.32 5.20
C LYS D 2 45.30 -4.83 5.29
N LYS D 3 46.25 -5.37 6.04
CA LYS D 3 46.71 -6.71 5.83
C LYS D 3 46.33 -7.65 6.93
N VAL D 4 45.85 -8.81 6.51
CA VAL D 4 45.18 -9.73 7.38
C VAL D 4 45.68 -11.14 7.11
N PHE D 5 45.88 -11.88 8.18
CA PHE D 5 46.28 -13.27 8.10
C PHE D 5 45.12 -14.17 8.60
N VAL D 6 44.65 -15.09 7.76
CA VAL D 6 43.66 -16.08 8.18
C VAL D 6 44.25 -17.47 8.23
N LEU D 7 44.10 -18.15 9.38
CA LEU D 7 44.49 -19.56 9.52
C LEU D 7 43.30 -20.42 9.24
N GLY D 8 43.38 -21.24 8.18
CA GLY D 8 42.37 -22.26 7.91
C GLY D 8 41.70 -22.00 6.59
N ALA D 9 41.53 -23.04 5.78
CA ALA D 9 41.09 -22.86 4.38
C ALA D 9 39.71 -23.47 4.12
N GLY D 10 39.04 -23.89 5.19
CA GLY D 10 37.80 -24.63 5.10
C GLY D 10 36.69 -23.66 4.87
N THR D 11 35.46 -24.14 5.07
CA THR D 11 34.29 -23.34 4.83
C THR D 11 34.48 -21.91 5.32
N MET D 12 34.83 -21.76 6.59
CA MET D 12 34.75 -20.44 7.19
C MET D 12 35.99 -19.62 6.87
N GLY D 13 37.17 -20.19 7.12
CA GLY D 13 38.41 -19.57 6.69
C GLY D 13 38.30 -18.94 5.31
N ALA D 14 37.80 -19.71 4.33
CA ALA D 14 37.66 -19.26 2.94
C ALA D 14 36.69 -18.07 2.76
N GLY D 15 35.48 -18.19 3.27
CA GLY D 15 34.55 -17.06 3.26
C GLY D 15 35.15 -15.83 3.97
N ILE D 16 35.92 -16.02 5.03
CA ILE D 16 36.46 -14.88 5.79
C ILE D 16 37.52 -14.13 4.99
N VAL D 17 38.39 -14.92 4.37
CA VAL D 17 39.34 -14.47 3.34
C VAL D 17 38.58 -13.67 2.32
N GLN D 18 37.58 -14.33 1.71
CA GLN D 18 36.76 -13.66 0.69
C GLN D 18 36.21 -12.32 1.19
N ALA D 19 35.73 -12.31 2.43
CA ALA D 19 35.11 -11.14 2.99
C ALA D 19 36.08 -9.97 3.14
N PHE D 20 37.31 -10.25 3.55
CA PHE D 20 38.28 -9.16 3.69
C PHE D 20 38.81 -8.71 2.34
N ALA D 21 39.31 -9.67 1.56
CA ALA D 21 39.86 -9.37 0.26
C ALA D 21 38.85 -8.58 -0.51
N ALA D 22 37.63 -9.10 -0.60
CA ALA D 22 36.59 -8.43 -1.37
C ALA D 22 36.41 -6.95 -1.03
N LYS D 23 36.86 -6.51 0.13
CA LYS D 23 36.79 -5.09 0.44
C LYS D 23 38.13 -4.30 0.27
N GLY D 24 39.19 -4.90 -0.24
CA GLY D 24 40.44 -4.14 -0.50
C GLY D 24 41.58 -4.55 0.42
N CYS D 25 41.35 -5.56 1.25
CA CYS D 25 42.37 -5.98 2.18
C CYS D 25 43.38 -6.91 1.48
N GLU D 26 44.59 -6.91 1.99
CA GLU D 26 45.58 -7.82 1.49
C GLU D 26 45.50 -9.02 2.42
N VAL D 27 45.28 -10.19 1.82
CA VAL D 27 45.05 -11.39 2.62
C VAL D 27 45.94 -12.58 2.29
N ILE D 28 46.67 -12.99 3.32
CA ILE D 28 47.49 -14.21 3.34
C ILE D 28 46.66 -15.30 4.01
N VAL D 29 46.62 -16.49 3.43
CA VAL D 29 45.85 -17.57 4.06
C VAL D 29 46.67 -18.86 4.22
N ARG D 30 46.75 -19.32 5.46
CA ARG D 30 47.59 -20.43 5.86
C ARG D 30 46.77 -21.69 6.15
N ASP D 31 47.16 -22.82 5.55
CA ASP D 31 46.70 -24.13 6.02
C ASP D 31 47.88 -25.13 6.21
N ILE D 32 47.59 -26.38 6.53
CA ILE D 32 48.61 -27.33 6.99
C ILE D 32 49.25 -28.07 5.83
N LYS D 33 48.49 -28.28 4.75
CA LYS D 33 48.98 -28.93 3.55
C LYS D 33 48.84 -27.93 2.42
N GLU D 34 49.52 -28.20 1.32
CA GLU D 34 49.46 -27.36 0.13
C GLU D 34 48.06 -27.51 -0.40
N GLU D 35 47.59 -28.75 -0.42
CA GLU D 35 46.32 -29.05 -1.05
C GLU D 35 45.15 -28.39 -0.36
N PHE D 36 45.20 -28.30 0.97
CA PHE D 36 44.15 -27.57 1.70
C PHE D 36 44.12 -26.12 1.20
N VAL D 37 45.29 -25.50 1.13
CA VAL D 37 45.36 -24.13 0.67
C VAL D 37 44.76 -24.00 -0.71
N ASP D 38 44.96 -24.98 -1.58
CA ASP D 38 44.39 -24.87 -2.92
C ASP D 38 42.87 -25.02 -2.89
N ARG D 39 42.39 -25.94 -2.05
CA ARG D 39 40.95 -26.16 -1.92
C ARG D 39 40.34 -24.84 -1.62
N GLY D 40 40.83 -24.22 -0.56
CA GLY D 40 40.31 -22.93 -0.12
C GLY D 40 40.19 -21.98 -1.30
N ILE D 41 41.26 -21.89 -2.07
CA ILE D 41 41.33 -20.87 -3.11
C ILE D 41 40.31 -21.12 -4.23
N ALA D 42 40.01 -22.40 -4.50
CA ALA D 42 39.02 -22.74 -5.51
C ALA D 42 37.61 -22.51 -5.01
N THR D 43 37.40 -22.74 -3.72
CA THR D 43 36.14 -22.45 -3.03
C THR D 43 35.83 -20.97 -3.24
N ILE D 44 36.77 -20.14 -2.82
CA ILE D 44 36.61 -18.69 -2.96
C ILE D 44 36.34 -18.28 -4.42
N THR D 45 36.99 -18.99 -5.34
CA THR D 45 36.95 -18.74 -6.80
C THR D 45 35.63 -19.14 -7.38
N LYS D 46 35.06 -20.23 -6.85
CA LYS D 46 33.77 -20.74 -7.33
C LYS D 46 32.63 -19.86 -6.89
N SER D 47 32.65 -19.60 -5.59
CA SER D 47 31.92 -18.49 -4.98
C SER D 47 31.92 -17.22 -5.85
N LEU D 48 33.09 -16.62 -6.07
CA LEU D 48 33.12 -15.40 -6.92
C LEU D 48 32.50 -15.63 -8.30
N SER D 49 32.66 -16.81 -8.87
CA SER D 49 32.02 -17.10 -10.16
C SER D 49 30.51 -17.01 -10.08
N LYS D 50 29.95 -17.61 -9.03
CA LYS D 50 28.55 -17.42 -8.68
C LYS D 50 28.14 -15.94 -8.59
N LEU D 51 28.98 -15.11 -7.97
CA LEU D 51 28.70 -13.66 -7.92
C LEU D 51 28.92 -12.96 -9.27
N VAL D 52 29.46 -13.68 -10.24
CA VAL D 52 29.53 -13.16 -11.60
C VAL D 52 28.33 -13.66 -12.39
N ALA D 53 27.96 -14.93 -12.17
CA ALA D 53 26.71 -15.51 -12.68
C ALA D 53 25.57 -14.53 -12.47
N LYS D 54 25.19 -14.34 -11.20
CA LYS D 54 24.34 -13.22 -10.79
C LYS D 54 25.17 -11.99 -11.06
N GLU D 55 24.58 -10.94 -11.57
CA GLU D 55 25.38 -9.80 -12.01
C GLU D 55 25.74 -8.86 -10.83
N LYS D 56 26.15 -9.48 -9.74
CA LYS D 56 26.48 -8.82 -8.49
C LYS D 56 27.82 -8.08 -8.58
N ILE D 57 28.84 -8.78 -9.07
CA ILE D 57 30.14 -8.21 -9.35
C ILE D 57 30.46 -8.46 -10.82
N THR D 58 31.44 -7.74 -11.35
CA THR D 58 31.94 -7.99 -12.70
C THR D 58 33.07 -9.01 -12.72
N GLU D 59 33.31 -9.50 -13.92
CA GLU D 59 34.42 -10.39 -14.17
C GLU D 59 35.75 -9.77 -13.68
N ALA D 60 35.98 -8.48 -13.92
CA ALA D 60 37.21 -7.87 -13.40
C ALA D 60 37.28 -8.03 -11.87
N ASP D 61 36.16 -7.74 -11.19
CA ASP D 61 36.09 -7.80 -9.72
C ASP D 61 36.60 -9.09 -9.15
N LYS D 62 36.10 -10.19 -9.69
CA LYS D 62 36.57 -11.53 -9.33
C LYS D 62 38.12 -11.63 -9.25
N GLU D 63 38.77 -11.40 -10.38
CA GLU D 63 40.25 -11.48 -10.46
C GLU D 63 40.90 -10.41 -9.57
N GLU D 64 40.36 -9.22 -9.57
CA GLU D 64 40.87 -8.20 -8.66
C GLU D 64 40.87 -8.76 -7.22
N ILE D 65 39.74 -9.37 -6.79
CA ILE D 65 39.68 -9.92 -5.41
C ILE D 65 40.69 -11.02 -5.24
N LEU D 66 40.78 -11.90 -6.22
CA LEU D 66 41.78 -12.99 -6.22
C LEU D 66 43.24 -12.51 -6.06
N SER D 67 43.56 -11.42 -6.73
CA SER D 67 44.92 -10.89 -6.68
C SER D 67 45.28 -10.30 -5.32
N ARG D 68 44.37 -10.34 -4.33
CA ARG D 68 44.74 -9.89 -2.98
C ARG D 68 44.87 -11.02 -2.01
N ILE D 69 44.71 -12.23 -2.54
CA ILE D 69 44.81 -13.40 -1.73
C ILE D 69 46.02 -14.17 -2.16
N SER D 70 46.81 -14.56 -1.18
CA SER D 70 47.94 -15.39 -1.45
C SER D 70 48.02 -16.42 -0.34
N GLY D 71 48.07 -17.70 -0.73
CA GLY D 71 48.17 -18.80 0.20
C GLY D 71 49.59 -19.14 0.62
N THR D 72 49.72 -19.96 1.65
CA THR D 72 51.00 -20.46 2.09
C THR D 72 50.72 -21.54 3.11
N THR D 73 51.74 -22.31 3.47
CA THR D 73 51.66 -23.20 4.60
C THR D 73 52.57 -22.69 5.69
N ASP D 74 53.00 -21.44 5.56
CA ASP D 74 54.00 -20.88 6.42
C ASP D 74 53.43 -19.85 7.40
N MET D 75 53.56 -20.11 8.69
CA MET D 75 52.98 -19.19 9.68
C MET D 75 53.77 -17.91 9.87
N LYS D 76 55.04 -17.91 9.45
CA LYS D 76 55.92 -16.78 9.73
C LYS D 76 55.40 -15.61 8.92
N LEU D 77 54.65 -15.91 7.86
CA LEU D 77 54.08 -14.84 7.06
C LEU D 77 53.06 -13.99 7.81
N ALA D 78 52.56 -14.53 8.91
CA ALA D 78 51.69 -13.80 9.80
C ALA D 78 52.39 -12.62 10.42
N ALA D 79 53.70 -12.68 10.58
CA ALA D 79 54.38 -11.87 11.55
C ALA D 79 54.16 -10.38 11.37
N ASP D 80 54.22 -9.89 10.14
CA ASP D 80 53.92 -8.49 9.88
C ASP D 80 52.45 -8.07 10.09
N CYS D 81 51.53 -8.96 9.72
CA CYS D 81 50.15 -8.61 9.43
C CYS D 81 49.42 -7.94 10.57
N ASP D 82 48.58 -6.97 10.23
CA ASP D 82 47.85 -6.18 11.21
C ASP D 82 46.86 -6.93 12.07
N LEU D 83 46.11 -7.85 11.46
CA LEU D 83 45.10 -8.60 12.18
C LEU D 83 45.32 -10.08 11.87
N VAL D 84 45.23 -10.94 12.87
CA VAL D 84 45.14 -12.38 12.60
C VAL D 84 43.72 -12.87 12.94
N VAL D 85 43.15 -13.71 12.06
CA VAL D 85 41.83 -14.30 12.28
C VAL D 85 41.94 -15.82 12.14
N GLU D 86 41.96 -16.53 13.26
CA GLU D 86 42.01 -17.99 13.26
C GLU D 86 40.62 -18.61 12.99
N ALA D 87 40.54 -19.48 11.98
CA ALA D 87 39.36 -20.30 11.74
C ALA D 87 39.82 -21.73 11.50
N ALA D 88 40.68 -22.21 12.39
CA ALA D 88 41.10 -23.59 12.39
C ALA D 88 40.07 -24.42 13.13
N ILE D 89 40.38 -25.69 13.34
CA ILE D 89 39.39 -26.56 13.90
C ILE D 89 39.09 -26.19 15.34
N GLU D 90 37.88 -26.59 15.72
CA GLU D 90 37.37 -26.31 17.02
C GLU D 90 38.00 -27.33 18.00
N ASN D 91 39.23 -27.07 18.44
CA ASN D 91 39.84 -27.78 19.61
C ASN D 91 40.68 -26.84 20.47
N MET D 92 40.56 -26.94 21.79
CA MET D 92 41.14 -25.96 22.68
C MET D 92 42.65 -26.08 22.83
N LYS D 93 43.14 -27.32 22.93
CA LYS D 93 44.58 -27.57 22.99
C LYS D 93 45.25 -26.99 21.75
N ILE D 94 44.71 -27.28 20.57
CA ILE D 94 45.29 -26.80 19.34
C ILE D 94 45.32 -25.29 19.29
N LYS D 95 44.13 -24.66 19.38
CA LYS D 95 44.03 -23.21 19.37
C LYS D 95 45.00 -22.54 20.33
N LYS D 96 45.12 -23.10 21.52
CA LYS D 96 46.12 -22.60 22.47
C LYS D 96 47.53 -22.70 21.84
N GLU D 97 47.90 -23.90 21.35
CA GLU D 97 49.20 -24.07 20.66
C GLU D 97 49.40 -22.98 19.62
N ILE D 98 48.48 -22.94 18.67
CA ILE D 98 48.45 -21.94 17.61
C ILE D 98 48.64 -20.52 18.11
N PHE D 99 47.90 -20.16 19.14
CA PHE D 99 47.89 -18.77 19.60
C PHE D 99 49.21 -18.34 20.21
N ALA D 100 49.81 -19.21 21.02
CA ALA D 100 51.18 -19.02 21.56
C ALA D 100 52.22 -18.83 20.46
N GLU D 101 52.18 -19.74 19.48
CA GLU D 101 53.05 -19.67 18.35
C GLU D 101 52.89 -18.30 17.73
N LEU D 102 51.66 -17.95 17.37
CA LEU D 102 51.40 -16.63 16.81
C LEU D 102 51.94 -15.50 17.68
N ASP D 103 51.70 -15.56 18.97
CA ASP D 103 52.26 -14.59 19.95
C ASP D 103 53.76 -14.32 19.82
N GLY D 104 54.53 -15.33 19.41
CA GLY D 104 55.98 -15.21 19.19
C GLY D 104 56.23 -14.63 17.82
N ILE D 105 55.53 -15.16 16.83
CA ILE D 105 55.77 -14.83 15.44
C ILE D 105 55.36 -13.43 15.02
N CYS D 106 54.51 -12.77 15.79
CA CYS D 106 53.89 -11.54 15.34
C CYS D 106 54.47 -10.40 16.09
N LYS D 107 54.54 -9.25 15.45
CA LYS D 107 54.97 -8.03 16.11
C LYS D 107 53.97 -7.63 17.19
N PRO D 108 54.43 -6.92 18.25
CA PRO D 108 53.59 -6.58 19.39
C PRO D 108 52.26 -5.99 19.00
N GLU D 109 52.23 -5.30 17.88
CA GLU D 109 51.02 -4.62 17.41
C GLU D 109 49.84 -5.56 17.13
N THR D 110 50.14 -6.69 16.53
CA THR D 110 49.13 -7.52 15.90
C THR D 110 48.07 -8.07 16.88
N ILE D 111 46.81 -7.93 16.47
CA ILE D 111 45.68 -8.42 17.21
C ILE D 111 45.33 -9.82 16.71
N LEU D 112 45.23 -10.78 17.63
CA LEU D 112 44.87 -12.16 17.30
C LEU D 112 43.40 -12.44 17.59
N ALA D 113 42.64 -12.75 16.55
CA ALA D 113 41.21 -13.00 16.68
C ALA D 113 40.89 -14.45 16.41
N SER D 114 39.94 -15.02 17.16
CA SER D 114 39.44 -16.35 16.86
C SER D 114 38.02 -16.27 16.37
N ASN D 115 37.67 -17.23 15.52
CA ASN D 115 36.35 -17.37 14.95
C ASN D 115 35.60 -18.52 15.66
N THR D 116 36.09 -18.98 16.80
CA THR D 116 35.42 -20.10 17.47
C THR D 116 34.00 -19.71 17.87
N SER D 117 33.10 -20.67 17.67
CA SER D 117 31.71 -20.58 18.13
C SER D 117 31.54 -20.97 19.60
N SER D 118 32.34 -21.91 20.06
CA SER D 118 32.05 -22.62 21.29
C SER D 118 33.13 -22.60 22.36
N LEU D 119 34.38 -22.28 22.01
CA LEU D 119 35.46 -22.31 23.02
C LEU D 119 35.63 -20.90 23.64
N SER D 120 36.28 -20.80 24.78
CA SER D 120 36.43 -19.53 25.49
C SER D 120 37.60 -18.67 24.97
N ILE D 121 37.28 -17.50 24.44
CA ILE D 121 38.28 -16.54 24.01
C ILE D 121 39.30 -16.31 25.11
N THR D 122 38.78 -16.19 26.32
CA THR D 122 39.60 -15.90 27.49
C THR D 122 40.61 -16.98 27.76
N GLU D 123 40.19 -18.23 27.69
CA GLU D 123 41.08 -19.37 27.95
C GLU D 123 42.21 -19.43 26.93
N VAL D 124 41.85 -19.20 25.68
CA VAL D 124 42.79 -19.16 24.60
C VAL D 124 43.77 -18.01 24.85
N ALA D 125 43.25 -16.79 25.01
CA ALA D 125 44.08 -15.62 25.29
C ALA D 125 45.11 -15.92 26.35
N SER D 126 44.72 -16.75 27.32
CA SER D 126 45.58 -17.12 28.45
C SER D 126 46.84 -17.85 28.08
N ALA D 127 46.90 -18.38 26.85
CA ALA D 127 48.11 -19.03 26.34
C ALA D 127 49.07 -18.04 25.66
N THR D 128 49.00 -16.73 25.97
CA THR D 128 49.86 -15.72 25.33
C THR D 128 50.39 -14.68 26.31
N LYS D 129 51.25 -13.77 25.82
CA LYS D 129 51.78 -12.63 26.60
C LYS D 129 51.05 -11.38 26.16
N ARG D 130 49.86 -11.58 25.62
CA ARG D 130 49.19 -10.57 24.84
C ARG D 130 47.65 -10.59 25.04
N ALA D 131 47.18 -11.10 26.19
CA ALA D 131 45.74 -11.33 26.40
C ALA D 131 44.93 -10.11 26.04
N ASP D 132 45.47 -8.91 26.33
CA ASP D 132 44.80 -7.63 26.01
C ASP D 132 44.53 -7.39 24.53
N LYS D 133 45.15 -8.20 23.68
CA LYS D 133 44.98 -8.09 22.22
C LYS D 133 44.46 -9.38 21.63
N VAL D 134 43.92 -10.25 22.47
CA VAL D 134 43.26 -11.43 21.94
C VAL D 134 41.74 -11.21 22.00
N ILE D 135 41.03 -11.76 21.01
CA ILE D 135 39.64 -11.42 20.82
C ILE D 135 38.91 -12.48 19.98
N GLY D 136 37.60 -12.57 20.18
CA GLY D 136 36.74 -13.40 19.34
C GLY D 136 36.19 -12.52 18.24
N MET D 137 36.16 -13.09 17.04
CA MET D 137 35.66 -12.36 15.89
C MET D 137 34.88 -13.36 15.06
N HIS D 138 33.62 -13.59 15.47
CA HIS D 138 32.77 -14.72 15.06
C HIS D 138 31.89 -14.40 13.86
N PHE D 139 32.20 -15.01 12.73
CA PHE D 139 31.44 -14.75 11.50
C PHE D 139 30.31 -15.79 11.35
N PHE D 140 29.40 -15.55 10.40
CA PHE D 140 28.26 -16.41 10.16
C PHE D 140 28.34 -16.92 8.77
N ASN D 141 28.07 -18.22 8.61
CA ASN D 141 28.17 -18.87 7.32
C ASN D 141 27.01 -18.42 6.43
N PRO D 142 27.27 -17.92 5.19
CA PRO D 142 28.53 -17.62 4.55
C PRO D 142 29.02 -16.28 4.96
N ALA D 143 30.26 -16.24 5.45
CA ALA D 143 30.88 -14.98 5.89
C ALA D 143 30.80 -13.83 4.85
N PRO D 144 30.97 -14.16 3.55
CA PRO D 144 30.99 -13.09 2.58
C PRO D 144 29.71 -12.33 2.54
N VAL D 145 28.59 -12.95 2.90
CA VAL D 145 27.28 -12.31 2.69
C VAL D 145 26.73 -11.81 3.99
N MET D 146 26.80 -12.64 5.01
CA MET D 146 26.23 -12.29 6.30
C MET D 146 26.93 -11.07 6.87
N LYS D 147 26.16 -10.07 7.29
CA LYS D 147 26.77 -8.79 7.65
C LYS D 147 27.19 -8.73 9.09
N LEU D 148 26.84 -9.72 9.91
CA LEU D 148 27.15 -9.62 11.32
C LEU D 148 28.54 -10.15 11.62
N VAL D 149 29.17 -9.54 12.60
CA VAL D 149 30.28 -10.16 13.25
C VAL D 149 30.18 -9.90 14.73
N GLU D 150 30.13 -10.98 15.49
CA GLU D 150 30.06 -10.87 16.95
C GLU D 150 31.49 -10.58 17.41
N VAL D 151 31.69 -9.53 18.17
CA VAL D 151 33.03 -9.20 18.55
C VAL D 151 33.17 -9.50 20.00
N ILE D 152 33.76 -10.66 20.27
CA ILE D 152 33.70 -11.29 21.55
C ILE D 152 34.86 -10.92 22.43
N ARG D 153 34.59 -10.23 23.51
CA ARG D 153 35.64 -9.76 24.40
C ARG D 153 35.91 -10.74 25.51
N GLY D 154 37.19 -11.12 25.65
CA GLY D 154 37.61 -11.99 26.71
C GLY D 154 37.79 -11.15 27.94
N ALA D 155 37.99 -11.80 29.08
CA ALA D 155 38.17 -11.06 30.33
C ALA D 155 39.19 -9.93 30.16
N ALA D 156 40.31 -10.23 29.51
CA ALA D 156 41.45 -9.31 29.42
C ALA D 156 41.49 -8.46 28.14
N THR D 157 40.72 -8.84 27.11
CA THR D 157 40.65 -8.02 25.91
C THR D 157 40.44 -6.55 26.27
N SER D 158 41.23 -5.64 25.69
CA SER D 158 41.18 -4.23 26.08
C SER D 158 40.24 -3.43 25.22
N GLN D 159 39.96 -2.21 25.64
CA GLN D 159 39.10 -1.34 24.87
C GLN D 159 39.66 -1.04 23.49
N GLU D 160 40.97 -0.78 23.51
CA GLU D 160 41.68 -0.42 22.31
C GLU D 160 41.55 -1.52 21.27
N THR D 161 41.75 -2.74 21.73
CA THR D 161 41.77 -3.87 20.86
C THR D 161 40.38 -3.98 20.22
N PHE D 162 39.35 -3.66 21.02
CA PHE D 162 37.97 -3.82 20.59
C PHE D 162 37.56 -2.75 19.57
N ASP D 163 37.82 -1.50 19.92
CA ASP D 163 37.55 -0.37 19.01
C ASP D 163 38.18 -0.59 17.63
N ALA D 164 39.40 -1.12 17.66
CA ALA D 164 40.14 -1.38 16.48
C ALA D 164 39.45 -2.46 15.65
N VAL D 165 38.98 -3.53 16.30
CA VAL D 165 38.29 -4.58 15.56
C VAL D 165 36.89 -4.12 15.15
N LYS D 166 36.31 -3.24 15.94
CA LYS D 166 35.05 -2.63 15.55
C LYS D 166 35.22 -1.88 14.22
N GLU D 167 36.18 -0.96 14.21
CA GLU D 167 36.49 -0.19 13.02
C GLU D 167 36.76 -1.15 11.88
N MET D 168 37.59 -2.15 12.14
CA MET D 168 37.93 -3.09 11.13
C MET D 168 36.73 -3.84 10.50
N SER D 169 35.68 -4.13 11.29
CA SER D 169 34.48 -4.80 10.74
C SER D 169 33.73 -3.83 9.87
N GLU D 170 33.57 -2.62 10.35
CA GLU D 170 32.89 -1.61 9.56
C GLU D 170 33.63 -1.36 8.26
N SER D 171 34.94 -1.18 8.33
CA SER D 171 35.75 -0.97 7.13
C SER D 171 35.53 -2.03 6.07
N ILE D 172 35.13 -3.25 6.45
CA ILE D 172 34.81 -4.27 5.43
C ILE D 172 33.32 -4.55 5.29
N GLY D 173 32.51 -3.53 5.60
CA GLY D 173 31.07 -3.55 5.40
C GLY D 173 30.29 -4.47 6.33
N LYS D 174 30.89 -4.80 7.46
CA LYS D 174 30.25 -5.66 8.43
C LYS D 174 29.71 -4.81 9.51
N THR D 175 28.67 -5.34 10.14
CA THR D 175 28.08 -4.74 11.30
C THR D 175 28.52 -5.51 12.53
N PRO D 176 29.44 -4.93 13.32
CA PRO D 176 29.93 -5.63 14.48
C PRO D 176 29.04 -5.41 15.70
N VAL D 177 28.97 -6.37 16.60
CA VAL D 177 28.30 -6.14 17.87
C VAL D 177 29.20 -6.52 19.05
N GLU D 178 29.23 -5.68 20.06
CA GLU D 178 30.05 -6.03 21.19
C GLU D 178 29.41 -7.14 22.03
N VAL D 179 30.22 -8.06 22.55
CA VAL D 179 29.73 -9.15 23.34
C VAL D 179 30.68 -9.38 24.48
N ALA D 180 30.17 -9.58 25.70
CA ALA D 180 31.03 -9.96 26.85
C ALA D 180 30.97 -11.48 27.03
N GLU D 181 32.12 -12.13 26.98
CA GLU D 181 32.15 -13.53 26.64
C GLU D 181 31.26 -14.34 27.54
N ALA D 182 30.31 -15.01 26.92
CA ALA D 182 29.43 -15.92 27.62
C ALA D 182 29.11 -17.01 26.64
N PRO D 183 28.72 -18.23 27.21
CA PRO D 183 28.49 -19.27 26.20
C PRO D 183 27.41 -18.89 25.22
N GLY D 184 27.66 -19.18 23.96
CA GLY D 184 26.71 -18.98 22.89
C GLY D 184 26.68 -17.57 22.35
N PHE D 185 27.43 -16.68 22.97
CA PHE D 185 27.43 -15.31 22.54
C PHE D 185 26.00 -14.78 22.54
N VAL D 186 25.57 -14.16 21.46
CA VAL D 186 24.18 -13.74 21.36
C VAL D 186 23.37 -14.63 20.44
N VAL D 187 23.83 -14.79 19.22
CA VAL D 187 23.05 -15.40 18.17
C VAL D 187 22.80 -16.89 18.38
N ASN D 188 23.80 -17.65 18.81
CA ASN D 188 23.59 -19.10 18.85
C ASN D 188 22.86 -19.50 20.12
N ARG D 189 23.03 -18.69 21.13
CA ARG D 189 22.36 -18.87 22.38
C ARG D 189 20.86 -18.74 22.22
N ILE D 190 20.41 -17.94 21.26
CA ILE D 190 18.99 -17.86 20.98
C ILE D 190 18.58 -18.87 19.96
N LEU D 191 19.37 -18.96 18.89
CA LEU D 191 18.96 -19.67 17.70
C LEU D 191 18.97 -21.14 17.89
N ILE D 192 20.03 -21.67 18.49
CA ILE D 192 20.16 -23.10 18.52
C ILE D 192 19.14 -23.69 19.45
N PRO D 193 18.92 -23.06 20.61
CA PRO D 193 17.94 -23.67 21.51
C PRO D 193 16.49 -23.60 20.96
N MET D 194 16.23 -22.62 20.15
CA MET D 194 14.98 -22.55 19.39
C MET D 194 14.86 -23.76 18.46
N ILE D 195 15.97 -24.17 17.86
CA ILE D 195 16.00 -25.39 17.08
C ILE D 195 15.74 -26.61 17.96
N ASN D 196 16.32 -26.63 19.15
CA ASN D 196 16.11 -27.72 20.10
C ASN D 196 14.63 -27.81 20.49
N GLU D 197 14.02 -26.67 20.77
CA GLU D 197 12.63 -26.65 21.19
C GLU D 197 11.81 -27.33 20.12
N ALA D 198 12.01 -26.91 18.88
CA ALA D 198 11.31 -27.62 17.80
C ALA D 198 11.43 -29.15 17.87
N THR D 199 12.61 -29.67 18.22
CA THR D 199 12.79 -31.12 18.25
C THR D 199 12.03 -31.71 19.42
N PHE D 200 11.86 -30.93 20.47
CA PHE D 200 11.00 -31.35 21.58
C PHE D 200 9.55 -31.44 21.13
N ILE D 201 9.08 -30.40 20.40
CA ILE D 201 7.73 -30.37 19.87
C ILE D 201 7.45 -31.60 19.05
N LEU D 202 8.42 -31.97 18.23
CA LEU D 202 8.35 -33.22 17.47
C LEU D 202 8.30 -34.47 18.35
N GLN D 203 9.26 -34.60 19.25
CA GLN D 203 9.40 -35.76 20.09
C GLN D 203 8.14 -35.99 20.92
N GLU D 204 7.50 -34.89 21.29
CA GLU D 204 6.31 -34.94 22.11
C GLU D 204 4.98 -35.01 21.33
N GLY D 205 5.03 -35.30 20.04
CA GLY D 205 3.78 -35.54 19.27
C GLY D 205 2.88 -34.32 19.05
N VAL D 206 3.39 -33.14 19.30
CA VAL D 206 2.60 -31.92 19.22
C VAL D 206 2.30 -31.52 17.79
N ALA D 207 3.30 -31.65 16.92
CA ALA D 207 3.15 -31.38 15.51
C ALA D 207 4.21 -32.12 14.72
N LYS D 208 3.94 -32.29 13.44
CA LYS D 208 4.82 -33.00 12.54
C LYS D 208 5.76 -32.01 11.87
N GLU D 209 6.77 -32.52 11.18
CA GLU D 209 7.92 -31.70 10.79
C GLU D 209 7.55 -30.49 9.93
N GLU D 210 6.98 -30.74 8.75
CA GLU D 210 6.61 -29.60 7.85
C GLU D 210 5.68 -28.60 8.52
N ASP D 211 4.93 -29.05 9.50
CA ASP D 211 3.94 -28.22 10.15
C ASP D 211 4.57 -27.28 11.09
N ILE D 212 5.50 -27.83 11.87
CA ILE D 212 6.37 -27.03 12.70
C ILE D 212 7.08 -25.96 11.84
N ASP D 213 7.65 -26.35 10.71
CA ASP D 213 8.41 -25.39 9.92
C ASP D 213 7.51 -24.30 9.30
N ALA D 214 6.36 -24.70 8.77
CA ALA D 214 5.38 -23.76 8.23
C ALA D 214 4.99 -22.76 9.28
N ALA D 215 4.70 -23.28 10.45
CA ALA D 215 4.27 -22.47 11.54
C ALA D 215 5.30 -21.40 11.81
N MET D 216 6.57 -21.73 11.86
CA MET D 216 7.52 -20.62 12.14
C MET D 216 7.69 -19.70 10.95
N LYS D 217 7.64 -20.27 9.75
CA LYS D 217 7.81 -19.43 8.55
C LYS D 217 6.65 -18.40 8.44
N LEU D 218 5.40 -18.88 8.43
CA LEU D 218 4.22 -18.03 8.27
C LEU D 218 3.77 -17.43 9.60
N GLY D 219 4.16 -18.04 10.72
CA GLY D 219 3.75 -17.56 12.02
C GLY D 219 4.57 -16.38 12.47
N ALA D 220 5.89 -16.52 12.39
CA ALA D 220 6.81 -15.43 12.75
C ALA D 220 7.53 -14.74 11.60
N ASN D 221 7.14 -15.01 10.34
CA ASN D 221 7.92 -14.57 9.17
C ASN D 221 9.38 -14.95 9.27
N HIS D 222 9.66 -16.13 9.83
CA HIS D 222 11.02 -16.60 9.80
C HIS D 222 11.35 -17.05 8.40
N PRO D 223 12.59 -16.81 7.95
CA PRO D 223 12.90 -17.13 6.56
C PRO D 223 12.84 -18.63 6.36
N MET D 224 13.18 -19.42 7.39
CA MET D 224 13.20 -20.88 7.35
C MET D 224 12.71 -21.53 8.68
N GLY D 225 12.02 -22.62 8.59
CA GLY D 225 11.58 -23.28 9.79
C GLY D 225 12.78 -23.89 10.48
N PRO D 226 12.65 -24.09 11.78
CA PRO D 226 13.81 -24.41 12.59
C PRO D 226 14.38 -25.77 12.30
N LEU D 227 13.53 -26.70 11.84
CA LEU D 227 13.99 -28.05 11.52
C LEU D 227 14.82 -28.04 10.23
N ALA D 228 14.39 -27.29 9.22
CA ALA D 228 15.14 -27.15 7.98
C ALA D 228 16.42 -26.39 8.21
N LEU D 229 16.35 -25.47 9.17
CA LEU D 229 17.49 -24.68 9.56
C LEU D 229 18.47 -25.56 10.29
N GLY D 230 17.95 -26.48 11.08
CA GLY D 230 18.81 -27.39 11.82
C GLY D 230 19.57 -28.23 10.81
N ASP D 231 18.86 -28.71 9.82
CA ASP D 231 19.43 -29.57 8.80
C ASP D 231 20.57 -28.82 8.09
N LEU D 232 20.36 -27.52 7.86
CA LEU D 232 21.34 -26.68 7.21
C LEU D 232 22.61 -26.42 8.01
N ILE D 233 22.46 -26.18 9.30
CA ILE D 233 23.59 -25.92 10.16
C ILE D 233 24.35 -27.21 10.41
N GLY D 234 23.64 -28.32 10.31
CA GLY D 234 24.11 -29.62 10.78
C GLY D 234 23.66 -29.90 12.22
N LEU D 235 23.01 -31.04 12.40
CA LEU D 235 22.43 -31.39 13.69
C LEU D 235 23.48 -31.77 14.69
N ASP D 236 24.60 -32.29 14.17
CA ASP D 236 25.77 -32.50 14.97
C ASP D 236 26.26 -31.19 15.62
N VAL D 237 26.21 -30.11 14.87
CA VAL D 237 26.64 -28.80 15.34
C VAL D 237 25.67 -28.24 16.41
N CYS D 238 24.39 -28.19 16.05
CA CYS D 238 23.32 -27.91 17.01
C CYS D 238 23.48 -28.70 18.31
N LEU D 239 23.65 -30.01 18.19
CA LEU D 239 23.80 -30.83 19.37
C LEU D 239 24.98 -30.41 20.24
N ALA D 240 26.07 -30.10 19.55
CA ALA D 240 27.30 -29.78 20.25
C ALA D 240 27.13 -28.46 20.93
N ILE D 241 26.42 -27.53 20.27
CA ILE D 241 26.17 -26.20 20.89
C ILE D 241 25.29 -26.32 22.15
N MET D 242 24.27 -27.18 22.08
CA MET D 242 23.39 -27.41 23.26
C MET D 242 24.17 -28.06 24.38
N ASP D 243 24.99 -29.03 24.05
CA ASP D 243 25.90 -29.58 25.06
C ASP D 243 26.87 -28.58 25.69
N VAL D 244 27.47 -27.71 24.90
CA VAL D 244 28.39 -26.72 25.47
C VAL D 244 27.65 -25.80 26.43
N LEU D 245 26.47 -25.40 25.99
CA LEU D 245 25.70 -24.45 26.76
C LEU D 245 25.32 -25.03 28.08
N TYR D 246 24.85 -26.27 28.02
CA TYR D 246 24.46 -26.99 29.22
C TYR D 246 25.66 -27.18 30.11
N ASN D 247 26.81 -27.49 29.54
CA ASN D 247 27.97 -27.82 30.36
C ASN D 247 28.53 -26.60 30.96
N GLU D 248 28.55 -25.51 30.19
CA GLU D 248 29.00 -24.25 30.74
C GLU D 248 28.14 -23.86 31.89
N THR D 249 26.82 -23.99 31.76
CA THR D 249 25.86 -23.33 32.67
C THR D 249 25.39 -24.19 33.80
N GLY D 250 25.44 -25.50 33.64
CA GLY D 250 24.81 -26.35 34.63
C GLY D 250 23.30 -26.18 34.63
N ASP D 251 22.78 -25.58 33.55
CA ASP D 251 21.39 -25.17 33.55
C ASP D 251 20.60 -26.11 32.69
N THR D 252 19.80 -26.91 33.37
CA THR D 252 18.83 -27.82 32.76
C THR D 252 18.08 -27.20 31.54
N LYS D 253 17.90 -25.90 31.55
CA LYS D 253 17.35 -25.19 30.39
C LYS D 253 17.94 -25.64 29.03
N TYR D 254 19.24 -25.96 29.01
CA TYR D 254 19.96 -26.08 27.77
C TYR D 254 20.12 -27.54 27.35
N ARG D 255 19.26 -28.41 27.87
CA ARG D 255 19.40 -29.83 27.65
C ARG D 255 18.86 -30.29 26.31
N ALA D 256 19.70 -30.93 25.51
CA ALA D 256 19.29 -31.43 24.21
C ALA D 256 18.18 -32.44 24.31
N SER D 257 17.30 -32.46 23.31
CA SER D 257 16.31 -33.52 23.25
C SER D 257 16.98 -34.86 22.89
N SER D 258 16.50 -35.94 23.48
CA SER D 258 16.91 -37.28 23.09
C SER D 258 16.76 -37.58 21.64
N LEU D 259 15.68 -37.11 21.04
CA LEU D 259 15.49 -37.29 19.64
C LEU D 259 16.68 -36.63 18.90
N LEU D 260 17.16 -35.48 19.38
CA LEU D 260 18.28 -34.83 18.67
C LEU D 260 19.53 -35.76 18.67
N ARG D 261 19.76 -36.45 19.79
CA ARG D 261 20.97 -37.26 19.92
C ARG D 261 20.89 -38.44 19.01
N LYS D 262 19.74 -39.08 19.01
CA LYS D 262 19.52 -40.29 18.30
C LYS D 262 19.80 -40.11 16.83
N TYR D 263 19.31 -39.00 16.30
CA TYR D 263 19.48 -38.67 14.91
C TYR D 263 20.93 -38.40 14.62
N VAL D 264 21.61 -37.74 15.56
CA VAL D 264 23.00 -37.47 15.35
C VAL D 264 23.67 -38.83 15.22
N ARG D 265 23.31 -39.77 16.10
CA ARG D 265 23.96 -41.07 16.15
C ARG D 265 23.70 -41.95 14.94
N ALA D 266 22.69 -41.57 14.16
CA ALA D 266 22.31 -42.30 12.96
C ALA D 266 23.09 -41.81 11.77
N GLY D 267 23.81 -40.71 11.94
CA GLY D 267 24.49 -40.06 10.83
C GLY D 267 23.54 -39.16 10.07
N TRP D 268 22.33 -38.98 10.59
CA TRP D 268 21.37 -38.11 9.95
C TRP D 268 21.65 -36.69 10.40
N LEU D 269 22.69 -36.12 9.79
CA LEU D 269 23.27 -34.85 10.26
C LEU D 269 22.67 -33.70 9.50
N GLY D 270 21.79 -34.00 8.55
CA GLY D 270 21.15 -32.95 7.77
C GLY D 270 21.58 -32.96 6.31
N ARG D 271 21.66 -31.76 5.73
CA ARG D 271 21.92 -31.66 4.30
C ARG D 271 23.24 -32.35 3.93
N LYS D 272 24.31 -32.04 4.69
CA LYS D 272 25.61 -32.72 4.57
C LYS D 272 25.48 -34.20 4.23
N THR D 273 24.65 -34.93 4.96
CA THR D 273 24.62 -36.39 4.77
C THR D 273 23.40 -36.85 3.99
N GLY D 274 22.75 -35.96 3.22
CA GLY D 274 21.52 -36.33 2.54
C GLY D 274 20.31 -36.72 3.42
N LYS D 275 20.43 -36.56 4.74
CA LYS D 275 19.30 -36.79 5.64
C LYS D 275 19.48 -36.13 6.98
N GLY D 276 18.44 -35.44 7.40
CA GLY D 276 18.35 -34.97 8.76
C GLY D 276 16.93 -35.09 9.19
N PHE D 277 16.28 -33.96 9.43
CA PHE D 277 14.88 -33.96 9.77
C PHE D 277 14.05 -34.16 8.52
N TYR D 278 14.64 -33.86 7.36
CA TYR D 278 14.09 -34.32 6.09
C TYR D 278 15.13 -35.15 5.36
N ASP D 279 14.69 -35.75 4.28
CA ASP D 279 15.45 -36.71 3.53
C ASP D 279 15.78 -35.99 2.22
N TYR D 280 17.06 -35.74 1.95
CA TYR D 280 17.48 -34.93 0.80
C TYR D 280 17.96 -35.77 -0.41
N SER D 281 17.88 -37.08 -0.27
CA SER D 281 18.01 -38.01 -1.40
C SER D 281 16.98 -39.15 -1.20
N LYS D 282 15.72 -38.92 -1.56
CA LYS D 282 15.27 -37.69 -2.21
C LYS D 282 13.83 -37.36 -1.78
PA NAD E . -34.80 27.65 -7.29
O1A NAD E . -35.25 28.84 -8.15
O2A NAD E . -34.99 26.19 -7.68
O5B NAD E . -35.44 27.91 -5.86
C5B NAD E . -35.13 29.09 -5.11
C4B NAD E . -36.31 29.25 -4.19
O4B NAD E . -36.05 30.27 -3.27
C3B NAD E . -37.60 29.62 -4.96
O3B NAD E . -38.63 28.60 -4.81
C2B NAD E . -38.04 30.95 -4.35
O2B NAD E . -39.44 31.05 -4.07
C1B NAD E . -37.29 30.93 -3.06
N9A NAD E . -37.07 32.23 -2.44
C8A NAD E . -36.76 33.43 -2.98
N7A NAD E . -36.62 34.37 -2.00
C5A NAD E . -36.85 33.71 -0.85
C6A NAD E . -36.90 34.07 0.56
N6A NAD E . -36.64 35.35 0.84
N1A NAD E . -37.21 33.12 1.51
C2A NAD E . -37.49 31.83 1.20
N3A NAD E . -37.47 31.42 -0.10
C4A NAD E . -37.17 32.32 -1.12
O3 NAD E . -33.21 27.87 -7.04
PN NAD E . -32.14 26.79 -6.55
O1N NAD E . -31.47 26.14 -7.74
O2N NAD E . -32.86 25.91 -5.55
O5D NAD E . -31.00 27.77 -5.86
C5D NAD E . -30.98 28.17 -4.47
C4D NAD E . -29.58 28.56 -3.94
O4D NAD E . -28.68 27.44 -3.82
C3D NAD E . -28.79 29.55 -4.79
O3D NAD E . -28.07 30.33 -3.83
C2D NAD E . -27.86 28.75 -5.69
O2D NAD E . -26.65 29.42 -6.14
C1D NAD E . -27.55 27.60 -4.73
N1N NAD E . -27.29 26.34 -5.41
C2N NAD E . -28.12 25.90 -6.42
C3N NAD E . -27.86 24.69 -7.07
C7N NAD E . -28.76 24.18 -8.19
O7N NAD E . -29.89 24.60 -8.36
N7N NAD E . -28.31 23.22 -8.98
C4N NAD E . -26.77 23.92 -6.65
C5N NAD E . -25.95 24.36 -5.64
C6N NAD E . -26.24 25.60 -5.02
PA NAD F . 8.75 6.64 -24.30
O1A NAD F . 9.95 7.52 -24.00
O2A NAD F . 8.19 5.63 -23.31
O5B NAD F . 9.00 5.81 -25.64
C5B NAD F . 9.64 6.49 -26.73
C4B NAD F . 10.24 5.40 -27.60
O4B NAD F . 10.56 5.93 -28.89
C3B NAD F . 11.54 4.87 -26.99
O3B NAD F . 11.53 3.46 -26.81
C2B NAD F . 12.59 5.31 -27.98
O2B NAD F . 13.59 4.36 -28.19
C1B NAD F . 11.85 5.44 -29.26
N9A NAD F . 12.59 6.27 -30.23
C8A NAD F . 13.36 7.38 -30.04
N7A NAD F . 13.87 7.79 -31.23
C5A NAD F . 13.39 6.95 -32.18
C6A NAD F . 13.50 6.79 -33.63
N6A NAD F . 14.27 7.67 -34.34
N1A NAD F . 12.84 5.74 -34.19
C2A NAD F . 12.09 4.84 -33.53
N3A NAD F . 11.97 4.92 -32.21
C4A NAD F . 12.56 5.94 -31.51
O3 NAD F . 7.69 7.71 -24.86
PN NAD F . 6.15 7.38 -25.10
O1N NAD F . 5.48 7.67 -23.78
O2N NAD F . 6.03 6.02 -25.82
O5D NAD F . 5.79 8.64 -26.02
C5D NAD F . 5.92 8.60 -27.43
C4D NAD F . 5.06 9.71 -28.06
O4D NAD F . 3.68 9.64 -27.67
C3D NAD F . 5.41 11.15 -27.72
O3D NAD F . 5.15 11.80 -28.96
C2D NAD F . 4.44 11.64 -26.64
O2D NAD F . 4.15 13.05 -26.63
C1D NAD F . 3.19 10.92 -27.14
N1N NAD F . 2.12 10.60 -26.18
C2N NAD F . 2.44 10.06 -25.01
C3N NAD F . 1.44 9.67 -24.12
C7N NAD F . 1.93 9.05 -22.87
O7N NAD F . 3.12 8.79 -22.85
N7N NAD F . 1.05 8.74 -21.93
C4N NAD F . 0.09 9.81 -24.41
C5N NAD F . -0.23 10.37 -25.63
C6N NAD F . 0.81 10.72 -26.51
PA NAD G . -8.69 -7.36 23.41
O1A NAD G . -8.86 -7.27 24.93
O2A NAD G . -8.19 -6.18 22.57
O5B NAD G . -10.05 -7.88 22.74
C5B NAD G . -10.86 -8.80 23.48
C4B NAD G . -12.29 -8.29 23.53
O4B NAD G . -12.99 -9.24 24.32
C3B NAD G . -12.58 -6.93 24.19
O3B NAD G . -13.23 -6.03 23.29
C2B NAD G . -13.49 -7.23 25.37
O2B NAD G . -14.56 -6.31 25.64
C1B NAD G . -14.06 -8.52 24.86
N9A NAD G . -14.72 -9.33 25.87
C8A NAD G . -14.40 -9.43 27.17
N7A NAD G . -15.27 -10.28 27.79
C5A NAD G . -16.13 -10.69 26.83
C6A NAD G . -17.28 -11.59 26.78
N6A NAD G . -17.61 -12.17 27.96
N1A NAD G . -17.92 -11.78 25.58
C2A NAD G . -17.55 -11.14 24.44
N3A NAD G . -16.49 -10.30 24.41
C4A NAD G . -15.78 -10.05 25.55
O3 NAD G . -7.67 -8.62 23.29
PN NAD G . -7.40 -9.53 21.99
O1N NAD G . -6.04 -9.20 21.45
O2N NAD G . -8.64 -9.35 21.09
O5D NAD G . -7.30 -11.02 22.62
C5D NAD G . -8.35 -11.96 22.41
C4D NAD G . -7.94 -13.43 22.57
O4D NAD G . -7.13 -13.88 21.48
C3D NAD G . -7.14 -13.77 23.81
O3D NAD G . -7.67 -15.02 24.24
C2D NAD G . -5.71 -13.90 23.37
O2D NAD G . -4.98 -14.87 24.12
C1D NAD G . -5.90 -14.43 21.96
N1N NAD G . -4.87 -14.09 21.00
C2N NAD G . -4.48 -12.81 20.86
C3N NAD G . -3.51 -12.47 19.91
C7N NAD G . -3.09 -11.03 19.80
O7N NAD G . -3.72 -10.18 20.37
N7N NAD G . -2.04 -10.69 19.06
C4N NAD G . -2.98 -13.48 19.08
C5N NAD G . -3.42 -14.77 19.23
C6N NAD G . -4.37 -15.05 20.20
PA NAD H . 36.57 -26.62 8.47
O1A NAD H . 36.76 -27.99 9.06
O2A NAD H . 35.63 -26.33 7.29
O5B NAD H . 38.00 -26.00 8.11
C5B NAD H . 39.01 -25.90 9.09
C4B NAD H . 40.34 -25.78 8.35
O4B NAD H . 41.33 -25.44 9.31
C3B NAD H . 40.78 -27.08 7.67
O3B NAD H . 41.13 -26.88 6.30
C2B NAD H . 41.96 -27.55 8.51
O2B NAD H . 42.98 -28.26 7.81
C1B NAD H . 42.48 -26.22 8.98
N9A NAD H . 43.44 -26.35 10.08
C8A NAD H . 43.49 -27.25 11.10
N7A NAD H . 44.57 -26.98 11.90
C5A NAD H . 45.21 -25.91 11.38
C6A NAD H . 46.41 -25.08 11.69
N6A NAD H . 47.17 -25.39 12.78
N1A NAD H . 46.72 -24.04 10.86
C2A NAD H . 45.98 -23.72 9.77
N3A NAD H . 44.89 -24.43 9.43
C4A NAD H . 44.46 -25.49 10.18
O3 NAD H . 36.20 -25.76 9.80
PN NAD H . 35.37 -24.40 9.65
O1N NAD H . 33.99 -24.76 9.20
O2N NAD H . 36.17 -23.44 8.78
O5D NAD H . 35.32 -23.91 11.20
C5D NAD H . 36.53 -23.67 11.90
C4D NAD H . 36.26 -22.70 13.04
O4D NAD H . 35.23 -21.76 12.74
C3D NAD H . 35.79 -23.44 14.27
O3D NAD H . 36.36 -22.75 15.36
C2D NAD H . 34.29 -23.31 14.28
O2D NAD H . 33.77 -23.38 15.60
C1D NAD H . 34.15 -21.91 13.70
N1N NAD H . 32.85 -21.54 13.09
C2N NAD H . 32.22 -22.28 12.12
C3N NAD H . 31.02 -21.81 11.55
C7N NAD H . 30.26 -22.57 10.47
O7N NAD H . 30.85 -23.28 9.67
N7N NAD H . 28.93 -22.46 10.37
C4N NAD H . 30.48 -20.61 11.99
C5N NAD H . 31.14 -19.88 12.97
C6N NAD H . 32.34 -20.36 13.50
#